data_8SKR
#
_entry.id   8SKR
#
_cell.length_a   1.00
_cell.length_b   1.00
_cell.length_c   1.00
_cell.angle_alpha   90.00
_cell.angle_beta   90.00
_cell.angle_gamma   90.00
#
_symmetry.space_group_name_H-M   'P 1'
#
loop_
_entity.id
_entity.type
_entity.pdbx_description
1 polymer 'Aspartate aminotransferase, mitochondrial'
2 non-polymer "PYRIDOXAL-5'-PHOSPHATE"
#
_entity_poly.entity_id   1
_entity_poly.type   'polypeptide(L)'
_entity_poly.pdbx_seq_one_letter_code
;MALLHSGRVLPGIAAAFHPGLAAAASARASSWWTHVEMGPPDPILGVTEAFKRDTNSKKMNLGVGAYRDDNGKPYVLPSV
RKAEAQIAAKNLDKEYLPIGGLAEFCKASAELALGENSEVLKSGRFVTVQTISGTGALRIGASFLQRFFKFSRDVFLPKP
TWGNHTPIFRDAGMQLQGYRYYDPKTCGFDFTGAVEDISKIPEQSVLLLHACAHNPTGVDPRPEQWKEIATVVKKRNLFA
FFDMAYQGFASGDGDKDAWAVRHFIEQGINVCLCQSYAKNMGLYGERVGAFTMVCKDADEAKRVESQLKILIRPMYSNPP
LNGARIAAAILNTPDLRKQWLQEVKVMADRIIGMRTQLVSNLKKEGSTHNWQHITDQIGMFCFTGLKPEQVERLIKEFSI
YMTKDGRISVAGVTSSNVGYLAHAIHQVTK
;
_entity_poly.pdbx_strand_id   A,C
#
loop_
_chem_comp.id
_chem_comp.type
_chem_comp.name
_chem_comp.formula
PLP non-polymer PYRIDOXAL-5'-PHOSPHATE 'C8 H10 N O6 P'
#
# COMPACT_ATOMS: atom_id res chain seq x y z
N ALA A 29 7.42 -20.77 24.48
CA ALA A 29 8.70 -21.29 24.04
C ALA A 29 9.83 -20.31 24.35
N SER A 30 11.06 -20.79 24.25
CA SER A 30 12.21 -19.93 24.50
C SER A 30 12.29 -18.80 23.47
N SER A 31 12.02 -19.11 22.21
CA SER A 31 12.05 -18.12 21.14
C SER A 31 10.64 -17.83 20.67
N TRP A 32 10.38 -16.57 20.33
CA TRP A 32 9.05 -16.18 19.86
C TRP A 32 8.68 -16.89 18.56
N TRP A 33 9.64 -17.00 17.64
CA TRP A 33 9.39 -17.54 16.31
C TRP A 33 10.18 -18.83 16.06
N THR A 34 10.37 -19.64 17.09
CA THR A 34 11.07 -20.91 16.90
C THR A 34 10.23 -21.89 16.09
N HIS A 35 8.90 -21.77 16.17
CA HIS A 35 8.01 -22.65 15.43
C HIS A 35 7.75 -22.16 14.01
N VAL A 36 8.20 -20.96 13.65
CA VAL A 36 8.02 -20.46 12.31
C VAL A 36 8.89 -21.25 11.34
N GLU A 37 8.29 -21.72 10.25
CA GLU A 37 8.96 -22.57 9.29
C GLU A 37 9.31 -21.79 8.03
N MET A 38 10.35 -22.25 7.34
CA MET A 38 10.75 -21.64 6.08
C MET A 38 9.64 -21.72 5.06
N GLY A 39 9.33 -20.60 4.41
CA GLY A 39 8.29 -20.54 3.42
C GLY A 39 8.71 -21.19 2.13
N PRO A 40 7.75 -21.72 1.37
CA PRO A 40 8.07 -22.32 0.07
C PRO A 40 8.61 -21.29 -0.89
N PRO A 41 9.61 -21.64 -1.69
CA PRO A 41 10.17 -20.67 -2.64
C PRO A 41 9.18 -20.34 -3.74
N ASP A 42 9.26 -19.11 -4.24
CA ASP A 42 8.42 -18.68 -5.34
C ASP A 42 8.96 -19.25 -6.65
N PRO A 43 8.16 -20.00 -7.41
CA PRO A 43 8.68 -20.58 -8.66
C PRO A 43 9.17 -19.55 -9.66
N ILE A 44 8.54 -18.39 -9.71
CA ILE A 44 8.95 -17.36 -10.67
C ILE A 44 10.35 -16.85 -10.32
N LEU A 45 10.59 -16.59 -9.04
CA LEU A 45 11.92 -16.14 -8.62
C LEU A 45 12.96 -17.23 -8.86
N GLY A 46 12.58 -18.50 -8.64
CA GLY A 46 13.50 -19.59 -8.93
C GLY A 46 13.87 -19.67 -10.40
N VAL A 47 12.88 -19.50 -11.28
CA VAL A 47 13.15 -19.51 -12.71
C VAL A 47 14.05 -18.33 -13.09
N THR A 48 13.78 -17.16 -12.52
CA THR A 48 14.62 -15.99 -12.80
C THR A 48 16.05 -16.21 -12.35
N GLU A 49 16.24 -16.78 -11.15
CA GLU A 49 17.59 -17.05 -10.66
C GLU A 49 18.29 -18.10 -11.52
N ALA A 50 17.56 -19.13 -11.96
CA ALA A 50 18.14 -20.14 -12.83
C ALA A 50 18.57 -19.53 -14.16
N PHE A 51 17.77 -18.62 -14.71
CA PHE A 51 18.16 -17.91 -15.92
C PHE A 51 19.40 -17.06 -15.69
N LYS A 52 19.46 -16.37 -14.54
CA LYS A 52 20.60 -15.52 -14.24
C LYS A 52 21.88 -16.33 -14.10
N ARG A 53 21.82 -17.48 -13.43
CA ARG A 53 23.02 -18.28 -13.23
C ARG A 53 23.45 -19.01 -14.49
N ASP A 54 22.56 -19.11 -15.47
CA ASP A 54 22.90 -19.79 -16.72
C ASP A 54 23.98 -19.03 -17.48
N THR A 55 24.90 -19.78 -18.07
CA THR A 55 26.02 -19.18 -18.79
C THR A 55 25.91 -19.29 -20.30
N ASN A 56 24.88 -19.95 -20.83
CA ASN A 56 24.72 -20.06 -22.27
C ASN A 56 24.43 -18.71 -22.89
N SER A 57 25.04 -18.44 -24.04
CA SER A 57 24.83 -17.17 -24.71
C SER A 57 23.40 -17.02 -25.22
N LYS A 58 22.81 -18.10 -25.72
CA LYS A 58 21.49 -18.08 -26.33
C LYS A 58 20.37 -18.33 -25.33
N LYS A 59 20.60 -18.06 -24.05
CA LYS A 59 19.58 -18.27 -23.04
C LYS A 59 18.47 -17.24 -23.17
N MET A 60 17.25 -17.63 -22.77
CA MET A 60 16.11 -16.73 -22.77
C MET A 60 15.36 -16.90 -21.46
N ASN A 61 14.65 -15.84 -21.07
CA ASN A 61 13.83 -15.83 -19.85
C ASN A 61 12.40 -15.49 -20.27
N LEU A 62 11.56 -16.52 -20.36
CA LEU A 62 10.16 -16.33 -20.72
C LEU A 62 9.25 -16.22 -19.50
N GLY A 63 9.81 -16.22 -18.30
CA GLY A 63 9.05 -16.07 -17.07
C GLY A 63 8.93 -14.66 -16.55
N VAL A 64 9.30 -13.66 -17.34
CA VAL A 64 9.24 -12.28 -16.88
C VAL A 64 7.78 -11.86 -16.74
N GLY A 65 7.48 -11.12 -15.68
CA GLY A 65 6.15 -10.64 -15.41
C GLY A 65 5.85 -9.23 -15.88
N ALA A 66 6.74 -8.62 -16.65
CA ALA A 66 6.56 -7.25 -17.10
C ALA A 66 6.93 -7.13 -18.57
N TYR A 67 6.41 -6.09 -19.20
CA TYR A 67 6.66 -5.86 -20.61
C TYR A 67 8.10 -5.42 -20.85
N ARG A 68 8.63 -5.83 -22.00
CA ARG A 68 9.98 -5.45 -22.42
C ARG A 68 9.94 -4.97 -23.86
N ASP A 69 10.89 -4.12 -24.21
CA ASP A 69 10.98 -3.62 -25.58
C ASP A 69 11.68 -4.65 -26.47
N ASP A 70 12.02 -4.23 -27.68
CA ASP A 70 12.66 -5.15 -28.63
C ASP A 70 14.02 -5.60 -28.12
N ASN A 71 14.81 -4.68 -27.56
CA ASN A 71 16.15 -5.03 -27.09
C ASN A 71 16.12 -5.87 -25.83
N GLY A 72 14.96 -6.04 -25.19
CA GLY A 72 14.86 -6.79 -23.96
C GLY A 72 15.02 -5.98 -22.70
N LYS A 73 15.39 -4.70 -22.81
CA LYS A 73 15.49 -3.82 -21.66
C LYS A 73 14.11 -3.41 -21.17
N PRO A 74 13.99 -3.00 -19.90
CA PRO A 74 12.73 -2.43 -19.44
C PRO A 74 12.37 -1.18 -20.23
N TYR A 75 11.07 -1.02 -20.49
CA TYR A 75 10.57 0.05 -21.32
C TYR A 75 9.81 1.05 -20.45
N VAL A 76 10.19 2.32 -20.53
CA VAL A 76 9.51 3.40 -19.83
C VAL A 76 8.85 4.29 -20.88
N LEU A 77 7.55 4.52 -20.71
CA LEU A 77 6.80 5.26 -21.71
C LEU A 77 7.26 6.72 -21.76
N PRO A 78 7.52 7.27 -22.95
CA PRO A 78 7.88 8.69 -23.03
C PRO A 78 6.80 9.61 -22.47
N SER A 79 5.53 9.22 -22.55
CA SER A 79 4.47 10.02 -21.93
C SER A 79 4.66 10.10 -20.43
N VAL A 80 5.11 9.01 -19.80
CA VAL A 80 5.39 9.03 -18.37
C VAL A 80 6.50 10.03 -18.06
N ARG A 81 7.55 10.04 -18.87
CA ARG A 81 8.65 10.99 -18.65
C ARG A 81 8.18 12.43 -18.84
N LYS A 82 7.34 12.69 -19.84
CA LYS A 82 6.80 14.03 -20.03
C LYS A 82 5.94 14.45 -18.84
N ALA A 83 5.12 13.54 -18.32
CA ALA A 83 4.31 13.84 -17.14
C ALA A 83 5.20 14.12 -15.94
N GLU A 84 6.26 13.34 -15.77
CA GLU A 84 7.19 13.58 -14.65
C GLU A 84 7.85 14.94 -14.78
N ALA A 85 8.25 15.32 -15.99
CA ALA A 85 8.85 16.64 -16.20
C ALA A 85 7.85 17.74 -15.87
N GLN A 86 6.60 17.58 -16.31
CA GLN A 86 5.58 18.59 -16.01
C GLN A 86 5.34 18.70 -14.51
N ILE A 87 5.28 17.56 -13.81
CA ILE A 87 5.06 17.58 -12.37
C ILE A 87 6.23 18.24 -11.65
N ALA A 88 7.46 17.93 -12.07
CA ALA A 88 8.62 18.57 -11.48
C ALA A 88 8.60 20.07 -11.71
N ALA A 89 8.18 20.49 -12.91
CA ALA A 89 8.04 21.93 -13.18
C ALA A 89 6.99 22.56 -12.28
N LYS A 90 5.89 21.85 -12.02
CA LYS A 90 4.82 22.39 -11.18
C LYS A 90 5.31 22.64 -9.76
N ASN A 91 6.25 21.84 -9.26
CA ASN A 91 6.79 21.98 -7.92
C ASN A 91 5.69 21.85 -6.86
N LEU A 92 4.97 20.73 -6.91
CA LEU A 92 3.87 20.49 -6.00
C LEU A 92 4.38 19.93 -4.66
N ASP A 93 3.48 19.88 -3.69
CA ASP A 93 3.82 19.42 -2.35
C ASP A 93 3.68 17.90 -2.25
N LYS A 94 3.86 17.38 -1.03
CA LYS A 94 3.80 15.95 -0.76
C LYS A 94 2.93 15.64 0.46
N GLU A 95 1.86 16.41 0.65
CA GLU A 95 0.98 16.18 1.77
C GLU A 95 0.13 14.95 1.55
N TYR A 96 -0.52 14.47 2.59
CA TYR A 96 -1.33 13.26 2.48
C TYR A 96 -2.51 13.44 1.54
N LEU A 97 -2.85 12.38 0.81
CA LEU A 97 -4.00 12.44 -0.07
C LEU A 97 -5.23 11.99 0.68
N PRO A 98 -6.42 12.39 0.22
CA PRO A 98 -7.62 11.86 0.87
C PRO A 98 -7.59 10.34 0.95
N ILE A 99 -8.30 9.79 1.94
CA ILE A 99 -8.31 8.35 2.16
C ILE A 99 -8.78 7.63 0.90
N GLY A 100 -9.80 8.16 0.23
CA GLY A 100 -10.25 7.58 -1.02
C GLY A 100 -9.18 7.63 -2.09
N GLY A 101 -8.44 8.73 -2.15
CA GLY A 101 -7.38 8.94 -3.11
C GLY A 101 -7.53 10.26 -3.81
N LEU A 102 -6.71 10.46 -4.84
CA LEU A 102 -6.78 11.69 -5.62
C LEU A 102 -8.09 11.74 -6.40
N ALA A 103 -8.83 12.83 -6.25
CA ALA A 103 -10.14 12.94 -6.90
C ALA A 103 -10.00 12.94 -8.42
N GLU A 104 -9.02 13.68 -8.95
CA GLU A 104 -8.82 13.72 -10.39
C GLU A 104 -8.47 12.35 -10.94
N PHE A 105 -7.58 11.63 -10.25
CA PHE A 105 -7.20 10.30 -10.71
C PHE A 105 -8.39 9.34 -10.68
N CYS A 106 -9.19 9.38 -9.62
CA CYS A 106 -10.34 8.49 -9.54
C CYS A 106 -11.35 8.80 -10.64
N LYS A 107 -11.63 10.08 -10.87
CA LYS A 107 -12.58 10.47 -11.91
C LYS A 107 -12.07 10.05 -13.29
N ALA A 108 -10.78 10.27 -13.56
CA ALA A 108 -10.23 9.89 -14.86
C ALA A 108 -10.25 8.38 -15.05
N SER A 109 -9.92 7.62 -14.00
CA SER A 109 -9.95 6.17 -14.09
C SER A 109 -11.36 5.66 -14.34
N ALA A 110 -12.35 6.21 -13.64
CA ALA A 110 -13.72 5.81 -13.87
C ALA A 110 -14.17 6.13 -15.29
N GLU A 111 -13.82 7.33 -15.78
CA GLU A 111 -14.19 7.70 -17.14
C GLU A 111 -13.54 6.78 -18.17
N LEU A 112 -12.26 6.44 -17.97
CA LEU A 112 -11.59 5.54 -18.89
C LEU A 112 -12.20 4.15 -18.87
N ALA A 113 -12.54 3.65 -17.68
CA ALA A 113 -13.07 2.29 -17.58
C ALA A 113 -14.47 2.19 -18.14
N LEU A 114 -15.34 3.17 -17.85
CA LEU A 114 -16.73 3.07 -18.26
C LEU A 114 -17.02 3.79 -19.57
N GLY A 115 -16.13 4.63 -20.05
CA GLY A 115 -16.38 5.38 -21.26
C GLY A 115 -16.76 6.81 -20.95
N GLU A 116 -16.45 7.71 -21.89
CA GLU A 116 -16.70 9.13 -21.67
C GLU A 116 -18.20 9.44 -21.63
N ASN A 117 -19.00 8.71 -22.40
CA ASN A 117 -20.44 8.96 -22.49
C ASN A 117 -21.26 7.92 -21.73
N SER A 118 -20.66 7.26 -20.75
CA SER A 118 -21.39 6.25 -19.99
C SER A 118 -22.51 6.88 -19.17
N GLU A 119 -23.65 6.18 -19.11
CA GLU A 119 -24.77 6.67 -18.33
C GLU A 119 -24.45 6.68 -16.84
N VAL A 120 -23.53 5.81 -16.41
CA VAL A 120 -23.17 5.74 -14.99
C VAL A 120 -22.56 7.06 -14.53
N LEU A 121 -21.64 7.61 -15.34
CA LEU A 121 -21.02 8.88 -14.98
C LEU A 121 -22.05 10.01 -14.93
N LYS A 122 -22.97 10.03 -15.89
CA LYS A 122 -24.01 11.07 -15.88
C LYS A 122 -24.89 10.96 -14.65
N SER A 123 -25.28 9.74 -14.28
CA SER A 123 -26.08 9.53 -13.08
C SER A 123 -25.25 9.65 -11.80
N GLY A 124 -23.93 9.50 -11.90
CA GLY A 124 -23.09 9.58 -10.71
C GLY A 124 -23.27 8.43 -9.75
N ARG A 125 -23.84 7.31 -10.20
CA ARG A 125 -24.08 6.16 -9.34
C ARG A 125 -22.88 5.21 -9.30
N PHE A 126 -21.71 5.76 -9.00
CA PHE A 126 -20.48 4.99 -8.95
C PHE A 126 -19.58 5.54 -7.86
N VAL A 127 -18.66 4.69 -7.39
CA VAL A 127 -17.64 5.07 -6.43
C VAL A 127 -16.30 4.56 -6.92
N THR A 128 -15.27 5.38 -6.83
CA THR A 128 -13.91 5.00 -7.21
C THR A 128 -12.94 5.47 -6.14
N VAL A 129 -12.08 4.56 -5.70
CA VAL A 129 -11.08 4.86 -4.68
C VAL A 129 -9.73 4.36 -5.17
N GLN A 130 -8.69 5.19 -5.01
CA GLN A 130 -7.34 4.78 -5.36
C GLN A 130 -6.82 3.75 -4.36
N THR A 131 -6.03 2.81 -4.86
CA THR A 131 -5.52 1.72 -4.04
C THR A 131 -4.10 1.38 -4.50
N ILE A 132 -3.53 0.34 -3.92
CA ILE A 132 -2.16 -0.02 -4.28
C ILE A 132 -2.16 -0.95 -5.48
N SER A 133 -2.43 -0.39 -6.66
CA SER A 133 -2.43 -1.19 -7.89
C SER A 133 -3.52 -2.25 -7.87
N GLY A 134 -3.43 -3.20 -8.80
CA GLY A 134 -4.46 -4.22 -8.91
C GLY A 134 -4.58 -5.09 -7.68
N THR A 135 -3.45 -5.51 -7.12
CA THR A 135 -3.48 -6.38 -5.96
C THR A 135 -4.23 -5.69 -4.84
N GLY A 136 -3.94 -4.41 -4.64
CA GLY A 136 -4.63 -3.66 -3.59
C GLY A 136 -6.12 -3.60 -3.84
N ALA A 137 -6.50 -3.31 -5.08
CA ALA A 137 -7.91 -3.22 -5.41
C ALA A 137 -8.59 -4.55 -5.14
N LEU A 138 -7.95 -5.64 -5.56
CA LEU A 138 -8.53 -6.94 -5.35
C LEU A 138 -8.71 -7.18 -3.87
N ARG A 139 -7.71 -6.79 -3.07
CA ARG A 139 -7.80 -6.99 -1.63
C ARG A 139 -8.92 -6.14 -1.05
N ILE A 140 -8.98 -4.87 -1.45
CA ILE A 140 -10.02 -3.99 -0.93
C ILE A 140 -11.40 -4.53 -1.26
N GLY A 141 -11.59 -5.00 -2.49
CA GLY A 141 -12.87 -5.58 -2.86
C GLY A 141 -13.21 -6.82 -2.05
N ALA A 142 -12.21 -7.68 -1.83
CA ALA A 142 -12.43 -8.88 -1.03
C ALA A 142 -12.77 -8.53 0.41
N SER A 143 -12.10 -7.53 0.99
CA SER A 143 -12.42 -7.09 2.34
C SER A 143 -13.82 -6.53 2.42
N PHE A 144 -14.22 -5.74 1.42
CA PHE A 144 -15.58 -5.20 1.40
C PHE A 144 -16.61 -6.31 1.29
N LEU A 145 -16.34 -7.31 0.46
CA LEU A 145 -17.26 -8.45 0.34
C LEU A 145 -17.35 -9.21 1.66
N GLN A 146 -16.21 -9.41 2.33
CA GLN A 146 -16.22 -10.10 3.61
C GLN A 146 -17.03 -9.34 4.65
N ARG A 147 -16.88 -8.01 4.69
CA ARG A 147 -17.56 -7.24 5.71
C ARG A 147 -19.05 -7.04 5.43
N PHE A 148 -19.44 -6.89 4.16
CA PHE A 148 -20.80 -6.48 3.83
C PHE A 148 -21.58 -7.45 2.97
N PHE A 149 -20.93 -8.24 2.12
CA PHE A 149 -21.65 -9.15 1.23
C PHE A 149 -22.13 -10.35 2.04
N LYS A 150 -23.28 -10.15 2.70
CA LYS A 150 -23.84 -11.17 3.57
C LYS A 150 -24.44 -12.34 2.81
N PHE A 151 -24.58 -12.21 1.48
CA PHE A 151 -25.32 -13.22 0.72
C PHE A 151 -24.56 -14.55 0.67
N SER A 152 -23.25 -14.50 0.46
CA SER A 152 -22.50 -15.74 0.32
C SER A 152 -21.04 -15.52 0.74
N ARG A 153 -20.37 -16.63 1.04
CA ARG A 153 -18.97 -16.65 1.42
C ARG A 153 -18.07 -17.30 0.38
N ASP A 154 -18.62 -17.67 -0.77
CA ASP A 154 -17.87 -18.41 -1.79
C ASP A 154 -17.56 -17.50 -2.97
N VAL A 155 -16.29 -17.48 -3.37
CA VAL A 155 -15.82 -16.73 -4.54
C VAL A 155 -15.40 -17.74 -5.59
N PHE A 156 -15.97 -17.62 -6.78
CA PHE A 156 -15.67 -18.52 -7.89
C PHE A 156 -14.63 -17.89 -8.79
N LEU A 157 -13.59 -18.66 -9.12
CA LEU A 157 -12.49 -18.21 -9.95
C LEU A 157 -12.30 -19.17 -11.11
N PRO A 158 -11.75 -18.70 -12.23
CA PRO A 158 -11.39 -19.63 -13.31
C PRO A 158 -10.38 -20.65 -12.83
N LYS A 159 -10.48 -21.87 -13.38
CA LYS A 159 -9.58 -22.94 -12.94
C LYS A 159 -8.11 -22.60 -13.15
N PRO A 160 -7.67 -22.11 -14.32
CA PRO A 160 -6.30 -21.58 -14.40
C PRO A 160 -6.26 -20.08 -14.11
N THR A 161 -6.39 -19.72 -12.84
CA THR A 161 -6.42 -18.30 -12.49
C THR A 161 -5.08 -17.77 -12.04
N TRP A 162 -4.97 -16.45 -11.88
CA TRP A 162 -3.72 -15.85 -11.42
C TRP A 162 -3.36 -16.39 -10.05
N GLY A 163 -2.08 -16.62 -9.82
CA GLY A 163 -1.66 -17.20 -8.55
C GLY A 163 -2.05 -16.43 -7.31
N ASN A 164 -1.85 -15.12 -7.32
CA ASN A 164 -2.11 -14.33 -6.11
C ASN A 164 -3.60 -14.23 -5.79
N HIS A 165 -4.46 -14.52 -6.75
CA HIS A 165 -5.90 -14.39 -6.50
C HIS A 165 -6.31 -15.22 -5.30
N THR A 166 -5.89 -16.47 -5.26
CA THR A 166 -6.28 -17.34 -4.16
C THR A 166 -5.87 -16.73 -2.82
N PRO A 167 -4.56 -16.56 -2.59
CA PRO A 167 -4.16 -16.05 -1.27
C PRO A 167 -4.89 -14.79 -0.85
N ILE A 168 -5.21 -13.91 -1.80
CA ILE A 168 -5.88 -12.65 -1.45
C ILE A 168 -7.24 -12.93 -0.80
N PHE A 169 -8.06 -13.75 -1.47
CA PHE A 169 -9.38 -14.06 -0.93
C PHE A 169 -9.29 -14.96 0.30
N ARG A 170 -8.30 -15.85 0.37
CA ARG A 170 -8.14 -16.66 1.57
C ARG A 170 -7.81 -15.81 2.78
N ASP A 171 -6.90 -14.84 2.63
CA ASP A 171 -6.54 -13.97 3.73
C ASP A 171 -7.68 -13.01 4.08
N ALA A 172 -8.42 -12.54 3.08
CA ALA A 172 -9.53 -11.64 3.34
C ALA A 172 -10.68 -12.32 4.07
N GLY A 173 -10.73 -13.64 4.06
CA GLY A 173 -11.77 -14.37 4.76
C GLY A 173 -12.82 -15.03 3.89
N MET A 174 -12.60 -15.09 2.58
CA MET A 174 -13.56 -15.67 1.65
C MET A 174 -13.11 -17.06 1.23
N GLN A 175 -14.03 -18.01 1.31
CA GLN A 175 -13.79 -19.33 0.73
C GLN A 175 -13.78 -19.23 -0.80
N LEU A 176 -13.06 -20.14 -1.44
CA LEU A 176 -12.82 -20.07 -2.87
C LEU A 176 -13.30 -21.34 -3.56
N GLN A 177 -13.89 -21.16 -4.73
CA GLN A 177 -14.31 -22.25 -5.60
C GLN A 177 -13.76 -22.01 -6.99
N GLY A 178 -13.94 -22.99 -7.87
CA GLY A 178 -13.40 -22.90 -9.21
C GLY A 178 -14.39 -23.38 -10.26
N TYR A 179 -14.25 -22.81 -11.46
CA TYR A 179 -15.05 -23.20 -12.61
C TYR A 179 -14.14 -23.34 -13.82
N ARG A 180 -14.54 -24.19 -14.76
CA ARG A 180 -13.74 -24.46 -15.94
C ARG A 180 -13.68 -23.23 -16.84
N TYR A 181 -12.46 -22.86 -17.25
CA TYR A 181 -12.25 -21.71 -18.11
C TYR A 181 -11.41 -22.05 -19.33
N TYR A 182 -10.41 -22.91 -19.17
CA TYR A 182 -9.48 -23.24 -20.24
C TYR A 182 -9.61 -24.73 -20.58
N ASP A 183 -9.73 -25.01 -21.88
CA ASP A 183 -9.86 -26.39 -22.35
C ASP A 183 -8.52 -26.87 -22.87
N PRO A 184 -7.84 -27.78 -22.17
CA PRO A 184 -6.53 -28.25 -22.66
C PRO A 184 -6.61 -29.01 -23.97
N LYS A 185 -7.77 -29.56 -24.33
CA LYS A 185 -7.87 -30.33 -25.57
C LYS A 185 -7.68 -29.44 -26.79
N THR A 186 -8.40 -28.32 -26.85
CA THR A 186 -8.30 -27.40 -27.97
C THR A 186 -7.41 -26.21 -27.69
N CYS A 187 -6.82 -26.13 -26.49
CA CYS A 187 -5.97 -25.01 -26.08
C CYS A 187 -6.69 -23.67 -26.24
N GLY A 188 -7.99 -23.65 -25.93
CA GLY A 188 -8.80 -22.45 -26.07
C GLY A 188 -9.83 -22.34 -24.97
N PHE A 189 -10.72 -21.38 -25.13
CA PHE A 189 -11.76 -21.13 -24.15
C PHE A 189 -12.79 -22.26 -24.16
N ASP A 190 -13.12 -22.78 -22.97
CA ASP A 190 -14.12 -23.83 -22.82
C ASP A 190 -15.47 -23.17 -22.55
N PHE A 191 -16.12 -22.77 -23.64
CA PHE A 191 -17.34 -21.98 -23.52
C PHE A 191 -18.47 -22.79 -22.89
N THR A 192 -18.74 -23.99 -23.41
CA THR A 192 -19.83 -24.80 -22.89
C THR A 192 -19.62 -25.15 -21.42
N GLY A 193 -18.41 -25.63 -21.09
CA GLY A 193 -18.12 -25.97 -19.72
C GLY A 193 -18.23 -24.77 -18.78
N ALA A 194 -17.74 -23.62 -19.21
CA ALA A 194 -17.86 -22.41 -18.39
C ALA A 194 -19.31 -22.03 -18.18
N VAL A 195 -20.12 -22.13 -19.24
CA VAL A 195 -21.55 -21.80 -19.10
C VAL A 195 -22.22 -22.74 -18.11
N GLU A 196 -21.94 -24.04 -18.23
CA GLU A 196 -22.55 -25.02 -17.33
C GLU A 196 -22.11 -24.78 -15.89
N ASP A 197 -20.82 -24.49 -15.68
CA ASP A 197 -20.33 -24.24 -14.33
C ASP A 197 -20.94 -22.97 -13.74
N ILE A 198 -21.07 -21.92 -14.53
CA ILE A 198 -21.66 -20.68 -14.04
C ILE A 198 -23.14 -20.89 -13.73
N SER A 199 -23.85 -21.64 -14.57
CA SER A 199 -25.26 -21.92 -14.30
C SER A 199 -25.42 -22.76 -13.04
N LYS A 200 -24.44 -23.63 -12.74
CA LYS A 200 -24.51 -24.43 -11.53
C LYS A 200 -24.09 -23.64 -10.29
N ILE A 201 -23.55 -22.44 -10.45
CA ILE A 201 -23.15 -21.64 -9.29
C ILE A 201 -24.38 -21.24 -8.50
N PRO A 202 -24.36 -21.32 -7.17
CA PRO A 202 -25.52 -20.89 -6.38
C PRO A 202 -25.81 -19.41 -6.57
N GLU A 203 -27.08 -19.06 -6.43
CA GLU A 203 -27.51 -17.69 -6.67
C GLU A 203 -26.90 -16.74 -5.63
N GLN A 204 -26.75 -15.48 -6.02
CA GLN A 204 -26.22 -14.42 -5.16
C GLN A 204 -24.81 -14.78 -4.67
N SER A 205 -24.00 -15.35 -5.55
CA SER A 205 -22.62 -15.69 -5.25
C SER A 205 -21.70 -14.83 -6.12
N VAL A 206 -20.66 -14.27 -5.50
CA VAL A 206 -19.74 -13.40 -6.21
C VAL A 206 -18.94 -14.22 -7.21
N LEU A 207 -18.74 -13.65 -8.40
CA LEU A 207 -18.02 -14.29 -9.49
C LEU A 207 -16.88 -13.41 -9.95
N LEU A 208 -15.72 -14.01 -10.19
CA LEU A 208 -14.54 -13.30 -10.67
C LEU A 208 -14.39 -13.54 -12.17
N LEU A 209 -14.29 -12.47 -12.94
CA LEU A 209 -14.18 -12.62 -14.38
C LEU A 209 -13.05 -11.78 -14.92
N HIS A 210 -11.93 -12.41 -15.26
CA HIS A 210 -10.83 -11.68 -15.87
C HIS A 210 -11.39 -10.92 -17.05
N ALA A 211 -11.40 -9.60 -16.97
CA ALA A 211 -11.99 -8.80 -18.03
C ALA A 211 -11.34 -9.05 -19.38
N CYS A 212 -10.02 -8.97 -19.44
CA CYS A 212 -9.35 -9.11 -20.73
C CYS A 212 -8.44 -10.33 -20.77
N ALA A 213 -7.17 -10.11 -21.07
CA ALA A 213 -6.24 -11.20 -21.15
C ALA A 213 -6.22 -11.97 -19.84
N HIS A 214 -6.49 -13.27 -19.88
CA HIS A 214 -6.42 -14.05 -18.67
C HIS A 214 -4.96 -14.09 -18.28
N ASN A 215 -4.66 -13.66 -17.06
CA ASN A 215 -3.26 -13.57 -16.64
C ASN A 215 -2.42 -14.79 -17.01
N PRO A 216 -2.91 -16.00 -16.70
CA PRO A 216 -2.05 -17.15 -16.95
C PRO A 216 -2.16 -17.71 -18.36
N THR A 217 -3.31 -17.57 -19.00
CA THR A 217 -3.51 -18.20 -20.31
C THR A 217 -3.73 -17.21 -21.44
N GLY A 218 -4.21 -16.01 -21.15
CA GLY A 218 -4.43 -15.04 -22.20
C GLY A 218 -5.55 -15.38 -23.16
N VAL A 219 -6.52 -16.18 -22.73
CA VAL A 219 -7.65 -16.56 -23.57
C VAL A 219 -8.86 -15.76 -23.10
N ASP A 220 -9.51 -15.06 -24.03
CA ASP A 220 -10.68 -14.26 -23.70
C ASP A 220 -11.88 -14.75 -24.48
N PRO A 221 -13.09 -14.69 -23.90
CA PRO A 221 -14.28 -15.11 -24.62
C PRO A 221 -14.61 -14.15 -25.75
N ARG A 222 -15.24 -14.70 -26.80
CA ARG A 222 -15.71 -13.89 -27.90
C ARG A 222 -16.90 -13.04 -27.45
N PRO A 223 -17.18 -11.93 -28.14
CA PRO A 223 -18.26 -11.03 -27.68
C PRO A 223 -19.61 -11.73 -27.55
N GLU A 224 -19.94 -12.66 -28.44
CA GLU A 224 -21.18 -13.42 -28.29
C GLU A 224 -21.13 -14.29 -27.04
N GLN A 225 -19.97 -14.90 -26.77
CA GLN A 225 -19.81 -15.67 -25.54
C GLN A 225 -19.93 -14.77 -24.31
N TRP A 226 -19.40 -13.55 -24.39
CA TRP A 226 -19.57 -12.60 -23.29
C TRP A 226 -21.04 -12.24 -23.10
N LYS A 227 -21.79 -12.07 -24.19
CA LYS A 227 -23.21 -11.79 -24.07
C LYS A 227 -23.94 -12.96 -23.42
N GLU A 228 -23.60 -14.19 -23.80
CA GLU A 228 -24.21 -15.36 -23.17
C GLU A 228 -23.90 -15.42 -21.69
N ILE A 229 -22.65 -15.15 -21.32
CA ILE A 229 -22.27 -15.16 -19.91
C ILE A 229 -23.02 -14.08 -19.15
N ALA A 230 -23.18 -12.89 -19.75
CA ALA A 230 -23.92 -11.81 -19.12
C ALA A 230 -25.38 -12.20 -18.90
N THR A 231 -25.99 -12.83 -19.91
CA THR A 231 -27.38 -13.26 -19.76
C THR A 231 -27.52 -14.30 -18.65
N VAL A 232 -26.58 -15.25 -18.58
CA VAL A 232 -26.63 -16.26 -17.52
C VAL A 232 -26.48 -15.61 -16.16
N VAL A 233 -25.55 -14.67 -16.02
CA VAL A 233 -25.33 -14.00 -14.75
C VAL A 233 -26.58 -13.22 -14.34
N LYS A 234 -27.19 -12.51 -15.29
CA LYS A 234 -28.40 -11.76 -14.99
C LYS A 234 -29.53 -12.68 -14.57
N LYS A 235 -29.66 -13.84 -15.23
CA LYS A 235 -30.69 -14.80 -14.85
C LYS A 235 -30.44 -15.35 -13.44
N ARG A 236 -29.20 -15.65 -13.11
CA ARG A 236 -28.86 -16.20 -11.80
C ARG A 236 -28.64 -15.12 -10.74
N ASN A 237 -28.69 -13.85 -11.12
CA ASN A 237 -28.49 -12.74 -10.18
C ASN A 237 -27.15 -12.85 -9.46
N LEU A 238 -26.12 -13.27 -10.18
CA LEU A 238 -24.79 -13.39 -9.61
C LEU A 238 -24.14 -12.01 -9.49
N PHE A 239 -23.07 -11.96 -8.70
CA PHE A 239 -22.28 -10.75 -8.53
C PHE A 239 -20.97 -10.89 -9.29
N ALA A 240 -20.70 -9.93 -10.18
CA ALA A 240 -19.52 -9.98 -11.02
C ALA A 240 -18.42 -9.11 -10.41
N PHE A 241 -17.21 -9.67 -10.37
CA PHE A 241 -16.03 -8.99 -9.83
C PHE A 241 -14.99 -8.96 -10.94
N PHE A 242 -15.06 -7.96 -11.82
CA PHE A 242 -14.13 -7.90 -12.95
C PHE A 242 -12.74 -7.48 -12.51
N ASP A 243 -11.72 -8.00 -13.20
CA ASP A 243 -10.34 -7.66 -12.88
C ASP A 243 -9.64 -7.18 -14.13
N MET A 244 -9.85 -5.92 -14.50
CA MET A 244 -9.23 -5.39 -15.70
C MET A 244 -7.87 -4.79 -15.39
N ALA A 245 -6.82 -5.50 -15.76
CA ALA A 245 -5.47 -5.01 -15.48
C ALA A 245 -4.66 -4.83 -16.75
N TYR A 246 -5.22 -5.24 -17.89
CA TYR A 246 -4.49 -5.14 -19.15
C TYR A 246 -5.24 -4.28 -20.17
N GLN A 247 -6.16 -3.46 -19.69
CA GLN A 247 -6.92 -2.61 -20.60
C GLN A 247 -5.96 -1.87 -21.53
N GLY A 248 -6.35 -1.76 -22.79
CA GLY A 248 -5.49 -1.11 -23.78
C GLY A 248 -4.28 -1.91 -24.19
N PHE A 249 -3.54 -2.45 -23.22
CA PHE A 249 -2.35 -3.24 -23.54
C PHE A 249 -2.70 -4.52 -24.28
N ALA A 250 -3.90 -5.06 -24.05
CA ALA A 250 -4.26 -6.35 -24.62
C ALA A 250 -4.31 -6.28 -26.16
N SER A 251 -4.93 -5.24 -26.71
CA SER A 251 -5.13 -5.16 -28.16
C SER A 251 -4.89 -3.79 -28.75
N GLY A 252 -4.47 -2.81 -27.94
CA GLY A 252 -4.27 -1.46 -28.44
C GLY A 252 -5.52 -0.62 -28.51
N ASP A 253 -6.68 -1.16 -28.14
CA ASP A 253 -7.94 -0.43 -28.16
C ASP A 253 -8.59 -0.57 -26.79
N GLY A 254 -8.66 0.52 -26.03
CA GLY A 254 -9.26 0.47 -24.71
C GLY A 254 -10.74 0.16 -24.75
N ASP A 255 -11.43 0.67 -25.77
CA ASP A 255 -12.87 0.46 -25.87
C ASP A 255 -13.21 -1.01 -26.06
N LYS A 256 -12.47 -1.71 -26.91
CA LYS A 256 -12.77 -3.11 -27.17
C LYS A 256 -12.40 -3.98 -25.97
N ASP A 257 -11.31 -3.65 -25.28
CA ASP A 257 -10.93 -4.41 -24.10
C ASP A 257 -11.95 -4.25 -22.97
N ALA A 258 -12.53 -3.05 -22.84
CA ALA A 258 -13.54 -2.79 -21.82
C ALA A 258 -14.95 -3.05 -22.32
N TRP A 259 -15.10 -3.69 -23.48
CA TRP A 259 -16.44 -3.92 -24.03
C TRP A 259 -17.27 -4.83 -23.15
N ALA A 260 -16.64 -5.85 -22.56
CA ALA A 260 -17.38 -6.78 -21.72
C ALA A 260 -17.98 -6.10 -20.50
N VAL A 261 -17.19 -5.25 -19.84
CA VAL A 261 -17.68 -4.55 -18.65
C VAL A 261 -18.81 -3.60 -19.00
N ARG A 262 -18.67 -2.86 -20.09
CA ARG A 262 -19.72 -1.94 -20.51
C ARG A 262 -20.99 -2.69 -20.90
N HIS A 263 -20.85 -3.83 -21.56
CA HIS A 263 -22.02 -4.65 -21.87
C HIS A 263 -22.70 -5.15 -20.61
N PHE A 264 -21.92 -5.61 -19.63
CA PHE A 264 -22.49 -6.05 -18.36
C PHE A 264 -23.24 -4.92 -17.68
N ILE A 265 -22.67 -3.71 -17.71
CA ILE A 265 -23.29 -2.57 -17.05
C ILE A 265 -24.59 -2.18 -17.75
N GLU A 266 -24.58 -2.12 -19.08
CA GLU A 266 -25.78 -1.72 -19.79
C GLU A 266 -26.85 -2.80 -19.71
N GLN A 267 -26.46 -4.05 -19.47
CA GLN A 267 -27.42 -5.11 -19.20
C GLN A 267 -28.11 -4.96 -17.85
N GLY A 268 -27.63 -4.06 -17.00
CA GLY A 268 -28.22 -3.86 -15.69
C GLY A 268 -27.50 -4.54 -14.55
N ILE A 269 -26.31 -5.09 -14.78
CA ILE A 269 -25.57 -5.80 -13.75
C ILE A 269 -24.56 -4.85 -13.13
N ASN A 270 -24.62 -4.70 -11.81
CA ASN A 270 -23.64 -3.90 -11.08
C ASN A 270 -22.38 -4.72 -10.86
N VAL A 271 -21.24 -4.17 -11.30
CA VAL A 271 -19.98 -4.90 -11.32
C VAL A 271 -18.92 -4.05 -10.62
N CYS A 272 -17.83 -4.72 -10.25
CA CYS A 272 -16.67 -4.09 -9.62
C CYS A 272 -15.45 -4.30 -10.52
N LEU A 273 -14.68 -3.24 -10.70
CA LEU A 273 -13.50 -3.28 -11.57
C LEU A 273 -12.25 -3.05 -10.73
N CYS A 274 -11.23 -3.87 -10.94
CA CYS A 274 -9.93 -3.72 -10.31
C CYS A 274 -8.94 -3.30 -11.40
N GLN A 275 -8.79 -2.00 -11.58
CA GLN A 275 -7.92 -1.50 -12.64
C GLN A 275 -6.50 -1.31 -12.17
N SER A 276 -5.54 -1.80 -12.95
CA SER A 276 -4.15 -1.61 -12.61
C SER A 276 -3.44 -0.90 -13.74
N TYR A 277 -2.79 0.21 -13.45
CA TYR A 277 -2.11 0.97 -14.49
C TYR A 277 -0.65 0.58 -14.59
N ALA A 278 -0.29 -0.53 -13.97
CA ALA A 278 1.10 -0.98 -14.00
C ALA A 278 1.53 -1.32 -15.41
N LYS A 279 0.66 -1.95 -16.18
CA LYS A 279 1.01 -2.36 -17.53
C LYS A 279 0.65 -1.32 -18.58
N ASN A 280 -0.63 -0.98 -18.68
CA ASN A 280 -1.07 -0.04 -19.71
C ASN A 280 -0.30 1.27 -19.68
N MET A 281 0.41 1.54 -18.59
CA MET A 281 1.15 2.80 -18.46
C MET A 281 2.61 2.59 -18.08
N GLY A 282 3.02 1.36 -17.80
CA GLY A 282 4.40 1.11 -17.42
C GLY A 282 4.77 1.53 -16.03
N LEU A 283 3.81 1.86 -15.18
CA LEU A 283 4.07 2.29 -13.80
C LEU A 283 4.02 1.10 -12.85
N TYR A 284 4.93 0.16 -13.07
CA TYR A 284 4.98 -1.04 -12.24
C TYR A 284 5.38 -0.70 -10.81
N GLY A 285 6.41 0.12 -10.65
CA GLY A 285 6.90 0.43 -9.31
C GLY A 285 6.03 1.45 -8.59
N GLU A 286 5.32 2.28 -9.34
CA GLU A 286 4.53 3.34 -8.73
C GLU A 286 3.26 2.83 -8.05
N ARG A 287 2.92 1.56 -8.25
CA ARG A 287 1.75 0.99 -7.60
C ARG A 287 0.50 1.83 -7.82
N VAL A 288 0.10 2.01 -9.08
CA VAL A 288 -1.10 2.77 -9.39
C VAL A 288 -2.28 1.85 -9.68
N GLY A 289 -3.44 2.16 -9.12
CA GLY A 289 -4.61 1.33 -9.28
C GLY A 289 -5.84 1.97 -8.68
N ALA A 290 -7.00 1.53 -9.15
CA ALA A 290 -8.27 2.05 -8.69
C ALA A 290 -9.29 0.93 -8.62
N PHE A 291 -10.12 0.96 -7.57
CA PHE A 291 -11.21 0.02 -7.39
C PHE A 291 -12.53 0.79 -7.47
N THR A 292 -13.34 0.47 -8.48
CA THR A 292 -14.59 1.16 -8.70
C THR A 292 -15.75 0.18 -8.58
N MET A 293 -16.82 0.60 -7.92
CA MET A 293 -18.01 -0.20 -7.73
C MET A 293 -19.22 0.56 -8.27
N VAL A 294 -20.04 -0.13 -9.06
CA VAL A 294 -21.24 0.48 -9.65
C VAL A 294 -22.42 0.22 -8.73
N CYS A 295 -23.13 1.29 -8.37
CA CYS A 295 -24.30 1.21 -7.51
C CYS A 295 -25.52 1.72 -8.25
N LYS A 296 -26.69 1.50 -7.65
CA LYS A 296 -27.94 1.94 -8.27
C LYS A 296 -28.13 3.45 -8.14
N ASP A 297 -27.79 4.02 -6.98
CA ASP A 297 -28.05 5.42 -6.70
C ASP A 297 -26.80 6.08 -6.15
N ALA A 298 -26.81 7.42 -6.18
CA ALA A 298 -25.67 8.18 -5.66
C ALA A 298 -25.58 8.05 -4.14
N ASP A 299 -26.71 7.93 -3.46
CA ASP A 299 -26.68 7.71 -2.01
C ASP A 299 -25.99 6.41 -1.66
N GLU A 300 -26.32 5.33 -2.40
CA GLU A 300 -25.62 4.07 -2.21
C GLU A 300 -24.14 4.21 -2.52
N ALA A 301 -23.82 4.98 -3.57
CA ALA A 301 -22.42 5.19 -3.94
C ALA A 301 -21.64 5.87 -2.82
N LYS A 302 -22.24 6.90 -2.20
CA LYS A 302 -21.51 7.61 -1.14
C LYS A 302 -21.45 6.80 0.14
N ARG A 303 -22.48 6.00 0.44
CA ARG A 303 -22.39 5.10 1.59
C ARG A 303 -21.26 4.08 1.38
N VAL A 304 -21.18 3.52 0.18
CA VAL A 304 -20.11 2.58 -0.14
C VAL A 304 -18.75 3.28 -0.08
N GLU A 305 -18.70 4.55 -0.49
CA GLU A 305 -17.46 5.31 -0.40
C GLU A 305 -17.02 5.47 1.05
N SER A 306 -17.96 5.81 1.94
CA SER A 306 -17.62 5.97 3.35
C SER A 306 -17.13 4.66 3.95
N GLN A 307 -17.83 3.55 3.64
CA GLN A 307 -17.41 2.27 4.18
C GLN A 307 -16.07 1.82 3.60
N LEU A 308 -15.82 2.12 2.33
CA LEU A 308 -14.54 1.80 1.72
C LEU A 308 -13.41 2.58 2.36
N LYS A 309 -13.64 3.87 2.66
CA LYS A 309 -12.63 4.65 3.36
C LYS A 309 -12.38 4.10 4.77
N ILE A 310 -13.46 3.70 5.45
CA ILE A 310 -13.32 3.10 6.78
C ILE A 310 -12.49 1.83 6.72
N LEU A 311 -12.70 1.02 5.68
CA LEU A 311 -11.89 -0.18 5.50
C LEU A 311 -10.44 0.15 5.16
N ILE A 312 -10.23 1.17 4.32
CA ILE A 312 -8.89 1.48 3.82
C ILE A 312 -8.01 2.03 4.94
N ARG A 313 -8.57 2.90 5.79
CA ARG A 313 -7.75 3.62 6.77
C ARG A 313 -6.89 2.72 7.64
N PRO A 314 -7.38 1.62 8.22
CA PRO A 314 -6.47 0.75 8.98
C PRO A 314 -5.35 0.14 8.14
N MET A 315 -5.65 -0.25 6.89
CA MET A 315 -4.62 -0.83 6.04
C MET A 315 -3.53 0.19 5.73
N TYR A 316 -3.93 1.40 5.38
CA TYR A 316 -2.97 2.47 5.09
C TYR A 316 -3.73 3.77 5.09
N SER A 317 -3.15 4.81 5.68
CA SER A 317 -3.86 6.07 5.80
C SER A 317 -4.29 6.63 4.45
N ASN A 318 -3.42 6.51 3.45
CA ASN A 318 -3.74 7.05 2.13
C ASN A 318 -2.92 6.36 1.06
N PRO A 319 -3.39 6.37 -0.19
CA PRO A 319 -2.54 5.77 -1.23
C PRO A 319 -1.40 6.69 -1.58
N PRO A 320 -0.39 6.19 -2.30
CA PRO A 320 0.75 7.04 -2.68
C PRO A 320 0.32 8.15 -3.64
N LEU A 321 1.19 9.14 -3.79
CA LEU A 321 0.88 10.38 -4.47
C LEU A 321 1.51 10.50 -5.85
N ASN A 322 2.77 10.11 -6.00
CA ASN A 322 3.49 10.38 -7.25
C ASN A 322 2.87 9.65 -8.44
N GLY A 323 2.63 8.35 -8.29
CA GLY A 323 2.08 7.58 -9.39
C GLY A 323 0.69 8.02 -9.79
N ALA A 324 -0.17 8.26 -8.80
CA ALA A 324 -1.53 8.73 -9.08
C ALA A 324 -1.50 10.10 -9.76
N ARG A 325 -0.61 10.98 -9.30
CA ARG A 325 -0.48 12.29 -9.92
C ARG A 325 -0.04 12.17 -11.37
N ILE A 326 0.93 11.29 -11.65
CA ILE A 326 1.38 11.08 -13.02
C ILE A 326 0.24 10.55 -13.89
N ALA A 327 -0.51 9.57 -13.35
CA ALA A 327 -1.61 8.99 -14.11
C ALA A 327 -2.68 10.02 -14.41
N ALA A 328 -3.03 10.85 -13.41
CA ALA A 328 -4.02 11.89 -13.63
C ALA A 328 -3.55 12.90 -14.65
N ALA A 329 -2.26 13.28 -14.59
CA ALA A 329 -1.73 14.24 -15.55
C ALA A 329 -1.78 13.68 -16.97
N ILE A 330 -1.45 12.40 -17.14
CA ILE A 330 -1.48 11.81 -18.46
C ILE A 330 -2.92 11.69 -18.98
N LEU A 331 -3.83 11.23 -18.12
CA LEU A 331 -5.21 11.00 -18.56
C LEU A 331 -5.91 12.31 -18.89
N ASN A 332 -5.70 13.34 -18.07
CA ASN A 332 -6.42 14.59 -18.27
C ASN A 332 -5.91 15.37 -19.48
N THR A 333 -4.59 15.42 -19.65
CA THR A 333 -4.02 16.18 -20.76
C THR A 333 -4.33 15.49 -22.08
N PRO A 334 -4.89 16.21 -23.07
CA PRO A 334 -5.24 15.55 -24.34
C PRO A 334 -4.04 15.04 -25.11
N ASP A 335 -2.99 15.87 -25.26
CA ASP A 335 -1.81 15.44 -26.01
C ASP A 335 -1.11 14.26 -25.33
N LEU A 336 -0.98 14.33 -24.00
CA LEU A 336 -0.36 13.23 -23.27
C LEU A 336 -1.21 11.96 -23.39
N ARG A 337 -2.53 12.09 -23.33
CA ARG A 337 -3.40 10.94 -23.48
C ARG A 337 -3.24 10.32 -24.87
N LYS A 338 -3.18 11.15 -25.91
CA LYS A 338 -2.99 10.64 -27.26
C LYS A 338 -1.65 9.93 -27.41
N GLN A 339 -0.59 10.52 -26.86
CA GLN A 339 0.72 9.89 -26.95
C GLN A 339 0.76 8.56 -26.19
N TRP A 340 0.12 8.52 -25.02
CA TRP A 340 0.05 7.28 -24.25
C TRP A 340 -0.71 6.21 -25.01
N LEU A 341 -1.83 6.58 -25.64
CA LEU A 341 -2.60 5.63 -26.43
C LEU A 341 -1.77 5.11 -27.60
N GLN A 342 -1.03 6.00 -28.27
CA GLN A 342 -0.19 5.56 -29.37
C GLN A 342 0.88 4.59 -28.90
N GLU A 343 1.52 4.88 -27.77
CA GLU A 343 2.55 4.00 -27.25
C GLU A 343 1.97 2.64 -26.86
N VAL A 344 0.81 2.63 -26.21
CA VAL A 344 0.18 1.38 -25.82
C VAL A 344 -0.20 0.56 -27.05
N LYS A 345 -0.73 1.23 -28.08
CA LYS A 345 -1.05 0.54 -29.33
C LYS A 345 0.21 -0.03 -29.96
N VAL A 346 1.31 0.70 -29.90
CA VAL A 346 2.57 0.18 -30.43
C VAL A 346 3.05 -1.06 -29.71
N MET A 347 2.98 -1.05 -28.37
CA MET A 347 3.38 -2.24 -27.62
C MET A 347 2.46 -3.42 -27.90
N ALA A 348 1.15 -3.17 -28.00
CA ALA A 348 0.23 -4.25 -28.34
C ALA A 348 0.53 -4.82 -29.73
N ASP A 349 0.82 -3.94 -30.69
CA ASP A 349 1.20 -4.39 -32.02
C ASP A 349 2.49 -5.21 -31.97
N ARG A 350 3.45 -4.80 -31.15
CA ARG A 350 4.68 -5.57 -31.01
C ARG A 350 4.39 -6.96 -30.45
N ILE A 351 3.51 -7.06 -29.45
CA ILE A 351 3.17 -8.36 -28.88
C ILE A 351 2.52 -9.25 -29.93
N ILE A 352 1.55 -8.69 -30.66
CA ILE A 352 0.86 -9.47 -31.70
C ILE A 352 1.83 -9.89 -32.79
N GLY A 353 2.76 -9.00 -33.16
CA GLY A 353 3.74 -9.35 -34.16
C GLY A 353 4.69 -10.44 -33.71
N MET A 354 5.07 -10.42 -32.42
CA MET A 354 5.88 -11.50 -31.89
C MET A 354 5.14 -12.83 -31.95
N ARG A 355 3.85 -12.83 -31.58
CA ARG A 355 3.07 -14.06 -31.67
C ARG A 355 2.99 -14.56 -33.11
N THR A 356 2.71 -13.65 -34.05
CA THR A 356 2.59 -14.04 -35.45
C THR A 356 3.92 -14.55 -36.00
N GLN A 357 5.03 -13.90 -35.63
CA GLN A 357 6.34 -14.37 -36.08
C GLN A 357 6.68 -15.72 -35.49
N LEU A 358 6.33 -15.96 -34.23
CA LEU A 358 6.55 -17.28 -33.64
C LEU A 358 5.79 -18.35 -34.38
N VAL A 359 4.52 -18.07 -34.70
CA VAL A 359 3.70 -19.05 -35.43
C VAL A 359 4.28 -19.29 -36.83
N SER A 360 4.68 -18.21 -37.51
CA SER A 360 5.24 -18.35 -38.86
C SER A 360 6.54 -19.14 -38.85
N ASN A 361 7.41 -18.89 -37.87
CA ASN A 361 8.66 -19.64 -37.79
C ASN A 361 8.42 -21.10 -37.43
N LEU A 362 7.42 -21.37 -36.58
CA LEU A 362 7.06 -22.75 -36.29
C LEU A 362 6.57 -23.45 -37.55
N LYS A 363 5.77 -22.77 -38.36
CA LYS A 363 5.34 -23.34 -39.64
C LYS A 363 6.53 -23.58 -40.57
N LYS A 364 7.47 -22.64 -40.60
CA LYS A 364 8.65 -22.79 -41.45
C LYS A 364 9.49 -23.97 -41.03
N GLU A 365 9.62 -24.20 -39.72
CA GLU A 365 10.45 -25.30 -39.23
C GLU A 365 9.87 -26.67 -39.60
N GLY A 366 8.62 -26.72 -40.04
CA GLY A 366 8.01 -27.96 -40.46
C GLY A 366 7.13 -28.64 -39.44
N SER A 367 6.85 -28.00 -38.30
CA SER A 367 5.98 -28.60 -37.30
C SER A 367 4.56 -28.71 -37.83
N THR A 368 3.96 -29.89 -37.65
CA THR A 368 2.59 -30.14 -38.10
C THR A 368 1.55 -29.85 -37.03
N HIS A 369 1.96 -29.48 -35.82
CA HIS A 369 1.01 -29.16 -34.76
C HIS A 369 0.28 -27.86 -35.08
N ASN A 370 -0.97 -27.79 -34.66
CA ASN A 370 -1.80 -26.61 -34.88
C ASN A 370 -1.47 -25.57 -33.82
N TRP A 371 -0.80 -24.49 -34.23
CA TRP A 371 -0.44 -23.40 -33.33
C TRP A 371 -1.35 -22.20 -33.49
N GLN A 372 -2.57 -22.39 -34.00
CA GLN A 372 -3.49 -21.28 -34.18
C GLN A 372 -3.88 -20.65 -32.84
N HIS A 373 -3.88 -21.44 -31.77
CA HIS A 373 -4.27 -20.90 -30.47
C HIS A 373 -3.29 -19.84 -29.98
N ILE A 374 -2.03 -19.89 -30.45
CA ILE A 374 -1.07 -18.87 -30.07
C ILE A 374 -1.50 -17.52 -30.61
N THR A 375 -1.92 -17.47 -31.87
CA THR A 375 -2.42 -16.22 -32.44
C THR A 375 -3.77 -15.85 -31.84
N ASP A 376 -4.61 -16.85 -31.55
CA ASP A 376 -5.93 -16.57 -30.98
C ASP A 376 -5.80 -15.94 -29.60
N GLN A 377 -4.85 -16.40 -28.79
CA GLN A 377 -4.69 -15.87 -27.44
C GLN A 377 -4.24 -14.42 -27.49
N ILE A 378 -4.78 -13.62 -26.56
CA ILE A 378 -4.51 -12.18 -26.50
C ILE A 378 -3.96 -11.87 -25.12
N GLY A 379 -2.83 -11.19 -25.08
CA GLY A 379 -2.21 -10.78 -23.84
C GLY A 379 -0.73 -11.10 -23.81
N MET A 380 -0.11 -10.77 -22.67
CA MET A 380 1.32 -11.01 -22.49
C MET A 380 1.64 -12.50 -22.49
N PHE A 381 0.80 -13.31 -21.82
CA PHE A 381 1.15 -14.66 -21.47
C PHE A 381 0.41 -15.68 -22.34
N CYS A 382 1.10 -16.79 -22.62
CA CYS A 382 0.61 -17.83 -23.53
C CYS A 382 0.94 -19.21 -23.00
N PHE A 383 -0.03 -20.12 -23.04
CA PHE A 383 0.24 -21.55 -22.94
C PHE A 383 0.35 -22.10 -24.37
N THR A 384 1.59 -22.44 -24.75
CA THR A 384 1.79 -23.21 -25.98
C THR A 384 1.25 -24.64 -25.84
N GLY A 385 0.90 -25.05 -24.63
CA GLY A 385 0.37 -26.38 -24.40
C GLY A 385 1.41 -27.46 -24.24
N LEU A 386 2.67 -27.07 -24.03
CA LEU A 386 3.75 -28.06 -23.94
C LEU A 386 3.63 -28.87 -22.66
N LYS A 387 3.94 -30.16 -22.76
CA LYS A 387 3.94 -31.04 -21.60
C LYS A 387 5.13 -30.69 -20.69
N PRO A 388 5.03 -31.01 -19.39
CA PRO A 388 6.15 -30.68 -18.49
C PRO A 388 7.47 -31.29 -18.91
N GLU A 389 7.47 -32.54 -19.41
CA GLU A 389 8.71 -33.16 -19.86
C GLU A 389 9.34 -32.34 -20.97
N GLN A 390 8.53 -31.80 -21.87
CA GLN A 390 9.03 -30.88 -22.88
C GLN A 390 9.63 -29.63 -22.23
N VAL A 391 9.06 -29.21 -21.10
CA VAL A 391 9.59 -28.04 -20.40
C VAL A 391 11.00 -28.32 -19.87
N GLU A 392 11.19 -29.47 -19.22
CA GLU A 392 12.54 -29.79 -18.75
C GLU A 392 13.50 -30.01 -19.92
N ARG A 393 13.00 -30.56 -21.04
CA ARG A 393 13.84 -30.71 -22.22
C ARG A 393 14.31 -29.36 -22.74
N LEU A 394 13.40 -28.38 -22.79
CA LEU A 394 13.78 -27.03 -23.21
C LEU A 394 14.77 -26.40 -22.24
N ILE A 395 14.55 -26.59 -20.93
CA ILE A 395 15.41 -25.97 -19.93
C ILE A 395 16.82 -26.54 -19.99
N LYS A 396 16.94 -27.88 -20.05
CA LYS A 396 18.25 -28.51 -19.98
C LYS A 396 19.03 -28.36 -21.28
N GLU A 397 18.38 -28.54 -22.42
CA GLU A 397 19.10 -28.57 -23.70
C GLU A 397 19.27 -27.18 -24.30
N PHE A 398 18.16 -26.49 -24.57
CA PHE A 398 18.21 -25.19 -25.23
C PHE A 398 18.33 -24.02 -24.27
N SER A 399 18.41 -24.30 -22.96
CA SER A 399 18.58 -23.27 -21.93
C SER A 399 17.45 -22.23 -21.97
N ILE A 400 16.24 -22.67 -22.33
CA ILE A 400 15.07 -21.81 -22.33
C ILE A 400 14.33 -22.04 -21.03
N TYR A 401 14.19 -20.98 -20.23
CA TYR A 401 13.64 -21.08 -18.89
C TYR A 401 12.18 -20.63 -18.91
N MET A 402 11.29 -21.49 -18.43
CA MET A 402 9.86 -21.25 -18.46
C MET A 402 9.21 -22.07 -17.35
N THR A 403 8.00 -21.69 -17.00
CA THR A 403 7.27 -22.37 -15.92
C THR A 403 6.84 -23.77 -16.38
N LYS A 404 6.59 -24.64 -15.40
CA LYS A 404 6.25 -26.02 -15.71
C LYS A 404 4.90 -26.14 -16.41
N ASP A 405 3.93 -25.29 -16.05
CA ASP A 405 2.59 -25.40 -16.63
C ASP A 405 2.58 -25.08 -18.12
N GLY A 406 3.60 -24.40 -18.63
CA GLY A 406 3.70 -24.09 -20.04
C GLY A 406 3.50 -22.64 -20.39
N ARG A 407 3.26 -21.77 -19.41
CA ARG A 407 3.07 -20.35 -19.70
C ARG A 407 4.39 -19.71 -20.10
N ILE A 408 4.34 -18.86 -21.13
CA ILE A 408 5.49 -18.09 -21.59
C ILE A 408 5.07 -16.64 -21.71
N SER A 409 6.00 -15.72 -21.47
CA SER A 409 5.74 -14.30 -21.62
C SER A 409 6.17 -13.85 -23.02
N VAL A 410 5.21 -13.38 -23.81
CA VAL A 410 5.51 -12.90 -25.15
C VAL A 410 6.43 -11.68 -25.11
N ALA A 411 6.34 -10.88 -24.05
CA ALA A 411 7.21 -9.72 -23.92
C ALA A 411 8.67 -10.12 -23.92
N GLY A 412 8.98 -11.30 -23.39
CA GLY A 412 10.36 -11.77 -23.41
C GLY A 412 10.83 -12.18 -24.79
N VAL A 413 9.88 -12.48 -25.69
CA VAL A 413 10.24 -12.87 -27.05
C VAL A 413 10.82 -11.67 -27.80
N THR A 414 11.89 -11.92 -28.54
CA THR A 414 12.59 -10.89 -29.29
C THR A 414 12.65 -11.30 -30.76
N SER A 415 12.62 -10.30 -31.65
CA SER A 415 12.71 -10.58 -33.08
C SER A 415 13.98 -11.34 -33.42
N SER A 416 15.05 -11.13 -32.65
CA SER A 416 16.30 -11.83 -32.91
C SER A 416 16.21 -13.30 -32.50
N ASN A 417 15.65 -13.57 -31.32
CA ASN A 417 15.66 -14.93 -30.77
C ASN A 417 14.36 -15.69 -31.02
N VAL A 418 13.40 -15.10 -31.75
CA VAL A 418 12.15 -15.81 -32.00
C VAL A 418 12.39 -17.04 -32.86
N GLY A 419 13.32 -16.94 -33.82
CA GLY A 419 13.66 -18.10 -34.62
C GLY A 419 14.27 -19.22 -33.80
N TYR A 420 15.15 -18.87 -32.86
CA TYR A 420 15.74 -19.87 -31.99
C TYR A 420 14.67 -20.55 -31.12
N LEU A 421 13.74 -19.76 -30.58
CA LEU A 421 12.68 -20.34 -29.76
C LEU A 421 11.80 -21.27 -30.59
N ALA A 422 11.45 -20.85 -31.81
CA ALA A 422 10.62 -21.69 -32.67
C ALA A 422 11.35 -22.98 -33.04
N HIS A 423 12.64 -22.89 -33.35
CA HIS A 423 13.42 -24.08 -33.68
C HIS A 423 13.49 -25.03 -32.50
N ALA A 424 13.71 -24.50 -31.29
CA ALA A 424 13.75 -25.34 -30.10
C ALA A 424 12.41 -26.01 -29.85
N ILE A 425 11.31 -25.27 -30.01
CA ILE A 425 9.98 -25.85 -29.79
C ILE A 425 9.72 -26.95 -30.81
N HIS A 426 10.08 -26.72 -32.08
CA HIS A 426 9.89 -27.73 -33.11
C HIS A 426 10.72 -28.97 -32.83
N GLN A 427 11.97 -28.78 -32.39
CA GLN A 427 12.83 -29.93 -32.09
C GLN A 427 12.30 -30.73 -30.91
N VAL A 428 11.83 -30.05 -29.87
CA VAL A 428 11.31 -30.76 -28.70
C VAL A 428 10.01 -31.47 -29.05
N THR A 429 9.10 -30.79 -29.75
CA THR A 429 7.84 -31.37 -30.15
C THR A 429 7.92 -32.18 -31.45
N LYS A 430 9.12 -32.54 -31.87
CA LYS A 430 9.31 -33.29 -33.11
C LYS A 430 8.71 -34.70 -32.99
N ALA B 29 -31.54 -9.47 -1.14
CA ALA B 29 -32.23 -8.20 -1.29
C ALA B 29 -32.18 -7.70 -2.73
N SER B 30 -33.00 -6.69 -3.04
CA SER B 30 -33.01 -6.13 -4.39
C SER B 30 -31.68 -5.49 -4.73
N SER B 31 -31.09 -4.78 -3.79
CA SER B 31 -29.80 -4.12 -3.98
C SER B 31 -28.72 -4.84 -3.17
N TRP B 32 -27.52 -4.91 -3.75
CA TRP B 32 -26.42 -5.58 -3.08
C TRP B 32 -26.05 -4.88 -1.77
N TRP B 33 -26.03 -3.54 -1.79
CA TRP B 33 -25.58 -2.75 -0.66
C TRP B 33 -26.69 -1.88 -0.08
N THR B 34 -27.93 -2.36 -0.11
CA THR B 34 -29.03 -1.60 0.47
C THR B 34 -28.93 -1.55 1.99
N HIS B 35 -28.32 -2.56 2.60
CA HIS B 35 -28.16 -2.59 4.05
C HIS B 35 -26.91 -1.84 4.52
N VAL B 36 -26.05 -1.40 3.60
CA VAL B 36 -24.86 -0.65 3.98
C VAL B 36 -25.28 0.72 4.50
N GLU B 37 -24.75 1.09 5.66
CA GLU B 37 -25.12 2.33 6.34
C GLU B 37 -24.01 3.36 6.19
N MET B 38 -24.40 4.64 6.26
CA MET B 38 -23.45 5.73 6.19
C MET B 38 -22.47 5.65 7.35
N GLY B 39 -21.17 5.75 7.04
CA GLY B 39 -20.15 5.69 8.04
C GLY B 39 -20.07 6.96 8.85
N PRO B 40 -19.63 6.85 10.11
CA PRO B 40 -19.47 8.03 10.95
C PRO B 40 -18.43 8.98 10.37
N PRO B 41 -18.67 10.29 10.45
CA PRO B 41 -17.69 11.24 9.93
C PRO B 41 -16.42 11.26 10.75
N ASP B 42 -15.31 11.54 10.08
CA ASP B 42 -14.03 11.65 10.77
C ASP B 42 -13.95 13.00 11.48
N PRO B 43 -13.73 13.03 12.79
CA PRO B 43 -13.68 14.33 13.49
C PRO B 43 -12.61 15.27 12.97
N ILE B 44 -11.46 14.72 12.54
CA ILE B 44 -10.38 15.58 12.04
C ILE B 44 -10.81 16.28 10.76
N LEU B 45 -11.43 15.54 9.84
CA LEU B 45 -11.91 16.15 8.61
C LEU B 45 -13.01 17.17 8.90
N GLY B 46 -13.86 16.89 9.88
CA GLY B 46 -14.89 17.85 10.27
C GLY B 46 -14.28 19.14 10.80
N VAL B 47 -13.26 19.02 11.64
CA VAL B 47 -12.58 20.21 12.17
C VAL B 47 -11.92 21.00 11.04
N THR B 48 -11.28 20.29 10.10
CA THR B 48 -10.65 20.96 8.97
C THR B 48 -11.69 21.69 8.12
N GLU B 49 -12.83 21.06 7.86
CA GLU B 49 -13.88 21.71 7.06
C GLU B 49 -14.45 22.91 7.81
N ALA B 50 -14.62 22.79 9.12
CA ALA B 50 -15.12 23.92 9.90
C ALA B 50 -14.14 25.09 9.87
N PHE B 51 -12.84 24.80 9.94
CA PHE B 51 -11.84 25.85 9.80
C PHE B 51 -11.89 26.48 8.42
N LYS B 52 -12.05 25.66 7.38
CA LYS B 52 -12.10 26.18 6.02
C LYS B 52 -13.30 27.09 5.80
N ARG B 53 -14.47 26.70 6.32
CA ARG B 53 -15.67 27.50 6.11
C ARG B 53 -15.67 28.76 6.97
N ASP B 54 -14.83 28.81 7.99
CA ASP B 54 -14.77 29.97 8.86
C ASP B 54 -14.27 31.19 8.09
N THR B 55 -14.87 32.35 8.37
CA THR B 55 -14.54 33.59 7.68
C THR B 55 -13.74 34.56 8.53
N ASN B 56 -13.47 34.25 9.79
CA ASN B 56 -12.69 35.14 10.64
C ASN B 56 -11.24 35.23 10.14
N SER B 57 -10.68 36.43 10.17
CA SER B 57 -9.31 36.62 9.71
C SER B 57 -8.32 35.94 10.63
N LYS B 58 -8.57 35.97 11.94
CA LYS B 58 -7.64 35.44 12.93
C LYS B 58 -7.90 33.98 13.26
N LYS B 59 -8.52 33.23 12.35
CA LYS B 59 -8.77 31.81 12.59
C LYS B 59 -7.48 31.01 12.55
N MET B 60 -7.47 29.91 13.30
CA MET B 60 -6.34 28.99 13.31
C MET B 60 -6.85 27.56 13.24
N ASN B 61 -6.00 26.68 12.71
CA ASN B 61 -6.31 25.26 12.58
C ASN B 61 -5.24 24.48 13.33
N LEU B 62 -5.55 24.06 14.55
CA LEU B 62 -4.62 23.27 15.36
C LEU B 62 -4.83 21.77 15.22
N GLY B 63 -5.72 21.35 14.34
CA GLY B 63 -5.97 19.93 14.09
C GLY B 63 -5.19 19.35 12.94
N VAL B 64 -4.20 20.06 12.40
CA VAL B 64 -3.43 19.54 11.27
C VAL B 64 -2.59 18.36 11.72
N GLY B 65 -2.52 17.34 10.88
CA GLY B 65 -1.75 16.15 11.17
C GLY B 65 -0.37 16.11 10.57
N ALA B 66 0.12 17.22 10.02
CA ALA B 66 1.43 17.25 9.38
C ALA B 66 2.16 18.52 9.77
N TYR B 67 3.48 18.48 9.64
CA TYR B 67 4.32 19.62 10.00
C TYR B 67 4.14 20.77 9.01
N ARG B 68 4.25 21.99 9.53
CA ARG B 68 4.17 23.19 8.73
C ARG B 68 5.33 24.11 9.10
N ASP B 69 5.73 24.95 8.14
CA ASP B 69 6.79 25.91 8.39
C ASP B 69 6.24 27.12 9.13
N ASP B 70 7.08 28.17 9.22
CA ASP B 70 6.67 29.38 9.94
C ASP B 70 5.48 30.05 9.26
N ASN B 71 5.49 30.13 7.93
CA ASN B 71 4.41 30.79 7.21
C ASN B 71 3.12 29.98 7.21
N GLY B 72 3.14 28.74 7.68
CA GLY B 72 1.97 27.90 7.68
C GLY B 72 1.79 27.04 6.43
N LYS B 73 2.61 27.25 5.42
CA LYS B 73 2.55 26.45 4.21
C LYS B 73 3.16 25.07 4.46
N PRO B 74 2.81 24.08 3.64
CA PRO B 74 3.51 22.79 3.73
C PRO B 74 4.99 22.95 3.44
N TYR B 75 5.80 22.18 4.17
CA TYR B 75 7.25 22.28 4.09
C TYR B 75 7.81 21.04 3.42
N VAL B 76 8.60 21.24 2.36
CA VAL B 76 9.28 20.16 1.66
C VAL B 76 10.77 20.32 1.91
N LEU B 77 11.41 19.25 2.38
CA LEU B 77 12.81 19.31 2.75
C LEU B 77 13.67 19.54 1.51
N PRO B 78 14.62 20.48 1.55
CA PRO B 78 15.53 20.65 0.40
C PRO B 78 16.33 19.40 0.08
N SER B 79 16.65 18.59 1.09
CA SER B 79 17.33 17.32 0.84
C SER B 79 16.49 16.40 -0.02
N VAL B 80 15.17 16.41 0.19
CA VAL B 80 14.28 15.61 -0.64
C VAL B 80 14.33 16.08 -2.09
N ARG B 81 14.34 17.40 -2.30
CA ARG B 81 14.43 17.93 -3.66
C ARG B 81 15.76 17.57 -4.31
N LYS B 82 16.86 17.65 -3.55
CA LYS B 82 18.15 17.25 -4.10
C LYS B 82 18.16 15.77 -4.48
N ALA B 83 17.58 14.92 -3.63
CA ALA B 83 17.49 13.50 -3.94
C ALA B 83 16.65 13.26 -5.18
N GLU B 84 15.54 13.99 -5.32
CA GLU B 84 14.71 13.85 -6.51
C GLU B 84 15.46 14.27 -7.76
N ALA B 85 16.22 15.37 -7.69
CA ALA B 85 17.02 15.79 -8.82
C ALA B 85 18.06 14.75 -9.19
N GLN B 86 18.74 14.17 -8.18
CA GLN B 86 19.72 13.13 -8.46
C GLN B 86 19.07 11.90 -9.11
N ILE B 87 17.89 11.50 -8.60
CA ILE B 87 17.21 10.34 -9.17
C ILE B 87 16.79 10.61 -10.60
N ALA B 88 16.27 11.81 -10.87
CA ALA B 88 15.90 12.17 -12.24
C ALA B 88 17.11 12.17 -13.16
N ALA B 89 18.26 12.64 -12.66
CA ALA B 89 19.48 12.59 -13.44
C ALA B 89 19.90 11.14 -13.72
N LYS B 90 19.72 10.25 -12.74
CA LYS B 90 20.10 8.86 -12.92
C LYS B 90 19.29 8.18 -14.02
N ASN B 91 18.04 8.60 -14.22
CA ASN B 91 17.16 8.04 -15.25
C ASN B 91 16.97 6.54 -15.03
N LEU B 92 16.49 6.17 -13.84
CA LEU B 92 16.28 4.78 -13.50
C LEU B 92 14.94 4.28 -14.01
N ASP B 93 14.75 2.97 -13.93
CA ASP B 93 13.54 2.33 -14.43
C ASP B 93 12.44 2.33 -13.35
N LYS B 94 11.33 1.66 -13.66
CA LYS B 94 10.19 1.58 -12.76
C LYS B 94 9.67 0.15 -12.64
N GLU B 95 10.57 -0.81 -12.68
CA GLU B 95 10.17 -2.21 -12.55
C GLU B 95 9.78 -2.54 -11.12
N TYR B 96 9.14 -3.67 -10.92
CA TYR B 96 8.68 -4.05 -9.59
C TYR B 96 9.83 -4.26 -8.62
N LEU B 97 9.63 -3.88 -7.37
CA LEU B 97 10.65 -4.11 -6.35
C LEU B 97 10.43 -5.45 -5.72
N PRO B 98 11.48 -6.03 -5.12
CA PRO B 98 11.27 -7.29 -4.40
C PRO B 98 10.13 -7.16 -3.40
N ILE B 99 9.50 -8.29 -3.10
CA ILE B 99 8.35 -8.29 -2.20
C ILE B 99 8.72 -7.70 -0.84
N GLY B 100 9.92 -8.03 -0.34
CA GLY B 100 10.37 -7.41 0.89
C GLY B 100 10.55 -5.91 0.77
N GLY B 101 11.05 -5.45 -0.38
CA GLY B 101 11.26 -4.05 -0.65
C GLY B 101 12.67 -3.82 -1.16
N LEU B 102 13.03 -2.54 -1.28
CA LEU B 102 14.37 -2.18 -1.72
C LEU B 102 15.39 -2.59 -0.66
N ALA B 103 16.41 -3.33 -1.08
CA ALA B 103 17.41 -3.82 -0.14
C ALA B 103 18.18 -2.67 0.51
N GLU B 104 18.57 -1.68 -0.30
CA GLU B 104 19.33 -0.55 0.23
C GLU B 104 18.50 0.22 1.24
N PHE B 105 17.22 0.45 0.93
CA PHE B 105 16.36 1.18 1.85
C PHE B 105 16.17 0.42 3.16
N CYS B 106 15.95 -0.89 3.08
CA CYS B 106 15.77 -1.69 4.29
C CYS B 106 17.03 -1.69 5.15
N LYS B 107 18.20 -1.85 4.51
CA LYS B 107 19.44 -1.85 5.26
C LYS B 107 19.68 -0.49 5.92
N ALA B 108 19.45 0.59 5.18
CA ALA B 108 19.65 1.92 5.74
C ALA B 108 18.69 2.21 6.89
N SER B 109 17.43 1.79 6.73
CA SER B 109 16.45 1.99 7.80
C SER B 109 16.83 1.20 9.05
N ALA B 110 17.28 -0.04 8.88
CA ALA B 110 17.69 -0.84 10.03
C ALA B 110 18.91 -0.21 10.71
N GLU B 111 19.88 0.26 9.92
CA GLU B 111 21.06 0.90 10.50
C GLU B 111 20.67 2.17 11.26
N LEU B 112 19.78 2.98 10.70
CA LEU B 112 19.36 4.20 11.37
C LEU B 112 18.61 3.89 12.67
N ALA B 113 17.74 2.88 12.65
CA ALA B 113 16.94 2.56 13.82
C ALA B 113 17.79 1.96 14.94
N LEU B 114 18.69 1.04 14.60
CA LEU B 114 19.46 0.34 15.62
C LEU B 114 20.81 0.96 15.91
N GLY B 115 21.28 1.84 15.05
CA GLY B 115 22.60 2.43 15.24
C GLY B 115 23.63 1.79 14.32
N GLU B 116 24.65 2.57 13.96
CA GLU B 116 25.66 2.09 13.02
C GLU B 116 26.49 0.96 13.60
N ASN B 117 26.75 0.99 14.92
CA ASN B 117 27.59 -0.01 15.57
C ASN B 117 26.78 -1.00 16.39
N SER B 118 25.50 -1.19 16.07
CA SER B 118 24.67 -2.12 16.81
C SER B 118 25.15 -3.55 16.61
N GLU B 119 25.12 -4.33 17.69
CA GLU B 119 25.52 -5.74 17.60
C GLU B 119 24.56 -6.54 16.73
N VAL B 120 23.30 -6.09 16.62
CA VAL B 120 22.32 -6.81 15.81
C VAL B 120 22.74 -6.81 14.34
N LEU B 121 23.19 -5.66 13.84
CA LEU B 121 23.64 -5.60 12.44
C LEU B 121 24.85 -6.49 12.21
N LYS B 122 25.80 -6.49 13.15
CA LYS B 122 26.98 -7.34 13.01
C LYS B 122 26.60 -8.81 13.00
N SER B 123 25.69 -9.21 13.88
CA SER B 123 25.22 -10.59 13.90
C SER B 123 24.26 -10.90 12.77
N GLY B 124 23.62 -9.88 12.18
CA GLY B 124 22.67 -10.10 11.12
C GLY B 124 21.38 -10.77 11.56
N ARG B 125 21.08 -10.75 12.85
CA ARG B 125 19.89 -11.40 13.38
C ARG B 125 18.67 -10.48 13.36
N PHE B 126 18.40 -9.90 12.19
CA PHE B 126 17.29 -8.98 12.03
C PHE B 126 16.70 -9.14 10.64
N VAL B 127 15.44 -8.72 10.50
CA VAL B 127 14.74 -8.71 9.23
C VAL B 127 14.07 -7.34 9.08
N THR B 128 14.16 -6.75 7.89
CA THR B 128 13.53 -5.48 7.58
C THR B 128 12.86 -5.58 6.23
N VAL B 129 11.58 -5.17 6.17
CA VAL B 129 10.81 -5.19 4.93
C VAL B 129 10.13 -3.83 4.76
N GLN B 130 10.20 -3.30 3.55
CA GLN B 130 9.52 -2.04 3.25
C GLN B 130 8.02 -2.25 3.21
N THR B 131 7.27 -1.24 3.65
CA THR B 131 5.82 -1.33 3.74
C THR B 131 5.23 0.03 3.41
N ILE B 132 3.91 0.15 3.55
CA ILE B 132 3.26 1.41 3.21
C ILE B 132 3.27 2.33 4.41
N SER B 133 4.42 2.91 4.72
CA SER B 133 4.53 3.84 5.85
C SER B 133 4.23 3.16 7.18
N GLY B 134 4.04 3.95 8.22
CA GLY B 134 3.81 3.39 9.54
C GLY B 134 2.57 2.56 9.63
N THR B 135 1.48 3.02 9.03
CA THR B 135 0.23 2.29 9.11
C THR B 135 0.42 0.91 8.52
N GLY B 136 1.09 0.84 7.39
CA GLY B 136 1.34 -0.44 6.76
C GLY B 136 2.17 -1.34 7.64
N ALA B 137 3.21 -0.80 8.24
CA ALA B 137 4.07 -1.58 9.11
C ALA B 137 3.26 -2.12 10.28
N LEU B 138 2.45 -1.27 10.87
CA LEU B 138 1.63 -1.68 12.00
C LEU B 138 0.73 -2.82 11.57
N ARG B 139 0.14 -2.69 10.39
CA ARG B 139 -0.75 -3.72 9.90
C ARG B 139 0.02 -5.02 9.66
N ILE B 140 1.17 -4.92 9.00
CA ILE B 140 1.95 -6.11 8.72
C ILE B 140 2.35 -6.82 10.01
N GLY B 141 2.77 -6.05 11.02
CA GLY B 141 3.11 -6.65 12.30
C GLY B 141 1.92 -7.31 12.96
N ALA B 142 0.76 -6.67 12.90
CA ALA B 142 -0.45 -7.26 13.48
C ALA B 142 -0.84 -8.54 12.75
N SER B 143 -0.74 -8.55 11.41
CA SER B 143 -1.04 -9.76 10.67
C SER B 143 -0.07 -10.89 11.02
N PHE B 144 1.22 -10.56 11.15
CA PHE B 144 2.20 -11.57 11.53
C PHE B 144 1.91 -12.12 12.93
N LEU B 145 1.54 -11.24 13.85
CA LEU B 145 1.18 -11.70 15.20
C LEU B 145 -0.06 -12.59 15.16
N GLN B 146 -1.05 -12.22 14.36
CA GLN B 146 -2.25 -13.05 14.25
C GLN B 146 -1.93 -14.42 13.68
N ARG B 147 -1.07 -14.48 12.67
CA ARG B 147 -0.78 -15.76 12.02
C ARG B 147 0.15 -16.64 12.84
N PHE B 148 1.12 -16.06 13.55
CA PHE B 148 2.18 -16.86 14.16
C PHE B 148 2.30 -16.72 15.67
N PHE B 149 1.92 -15.58 16.25
CA PHE B 149 2.07 -15.37 17.70
C PHE B 149 0.98 -16.17 18.42
N LYS B 150 1.25 -17.46 18.60
CA LYS B 150 0.28 -18.37 19.20
C LYS B 150 0.13 -18.13 20.71
N PHE B 151 1.01 -17.35 21.32
CA PHE B 151 1.03 -17.23 22.77
C PHE B 151 -0.22 -16.52 23.29
N SER B 152 -0.65 -15.44 22.63
CA SER B 152 -1.78 -14.67 23.14
C SER B 152 -2.47 -13.95 22.00
N ARG B 153 -3.72 -13.57 22.25
CA ARG B 153 -4.54 -12.82 21.31
C ARG B 153 -4.82 -11.39 21.75
N ASP B 154 -4.22 -10.94 22.86
CA ASP B 154 -4.50 -9.64 23.42
C ASP B 154 -3.33 -8.69 23.17
N VAL B 155 -3.65 -7.50 22.64
CA VAL B 155 -2.67 -6.45 22.42
C VAL B 155 -2.98 -5.31 23.36
N PHE B 156 -2.00 -4.90 24.16
CA PHE B 156 -2.17 -3.83 25.13
C PHE B 156 -1.67 -2.52 24.54
N LEU B 157 -2.49 -1.48 24.66
CA LEU B 157 -2.16 -0.16 24.12
C LEU B 157 -2.30 0.87 25.23
N PRO B 158 -1.60 1.99 25.12
CA PRO B 158 -1.81 3.09 26.07
C PRO B 158 -3.24 3.59 25.99
N LYS B 159 -3.77 4.02 27.14
CA LYS B 159 -5.16 4.47 27.19
C LYS B 159 -5.42 5.63 26.23
N PRO B 160 -4.62 6.71 26.20
CA PRO B 160 -4.78 7.69 25.11
C PRO B 160 -3.89 7.36 23.92
N THR B 161 -4.27 6.35 23.16
CA THR B 161 -3.43 5.94 22.02
C THR B 161 -3.89 6.54 20.70
N TRP B 162 -3.08 6.37 19.66
CA TRP B 162 -3.44 6.89 18.34
C TRP B 162 -4.73 6.24 17.88
N GLY B 163 -5.58 7.02 17.23
CA GLY B 163 -6.87 6.50 16.81
C GLY B 163 -6.84 5.29 15.90
N ASN B 164 -5.98 5.31 14.89
CA ASN B 164 -5.97 4.21 13.92
C ASN B 164 -5.45 2.91 14.52
N HIS B 165 -4.75 2.99 15.65
CA HIS B 165 -4.17 1.78 16.23
C HIS B 165 -5.25 0.73 16.48
N THR B 166 -6.34 1.14 17.10
CA THR B 166 -7.41 0.20 17.40
C THR B 166 -7.89 -0.51 16.13
N PRO B 167 -8.46 0.24 15.18
CA PRO B 167 -8.99 -0.43 13.98
C PRO B 167 -8.00 -1.37 13.32
N ILE B 168 -6.71 -1.04 13.34
CA ILE B 168 -5.73 -1.89 12.67
C ILE B 168 -5.70 -3.28 13.31
N PHE B 169 -5.58 -3.32 14.64
CA PHE B 169 -5.52 -4.60 15.33
C PHE B 169 -6.87 -5.31 15.33
N ARG B 170 -7.97 -4.55 15.36
CA ARG B 170 -9.28 -5.19 15.28
C ARG B 170 -9.49 -5.87 13.94
N ASP B 171 -9.10 -5.22 12.84
CA ASP B 171 -9.23 -5.81 11.52
C ASP B 171 -8.27 -6.97 11.33
N ALA B 172 -7.06 -6.85 11.88
CA ALA B 172 -6.07 -7.92 11.75
C ALA B 172 -6.47 -9.17 12.51
N GLY B 173 -7.40 -9.07 13.46
CA GLY B 173 -7.86 -10.21 14.21
C GLY B 173 -7.39 -10.29 15.64
N MET B 174 -6.80 -9.23 16.18
CA MET B 174 -6.30 -9.21 17.55
C MET B 174 -7.24 -8.45 18.46
N GLN B 175 -7.59 -9.07 19.59
CA GLN B 175 -8.30 -8.37 20.64
C GLN B 175 -7.39 -7.32 21.27
N LEU B 176 -8.01 -6.26 21.80
CA LEU B 176 -7.26 -5.10 22.29
C LEU B 176 -7.58 -4.84 23.75
N GLN B 177 -6.55 -4.46 24.50
CA GLN B 177 -6.68 -4.05 25.89
C GLN B 177 -5.98 -2.72 26.07
N GLY B 178 -6.11 -2.14 27.25
CA GLY B 178 -5.55 -0.84 27.54
C GLY B 178 -4.88 -0.78 28.89
N TYR B 179 -3.87 0.09 28.98
CA TYR B 179 -3.19 0.36 30.23
C TYR B 179 -3.00 1.87 30.39
N ARG B 180 -2.91 2.30 31.64
CA ARG B 180 -2.80 3.73 31.93
C ARG B 180 -1.45 4.28 31.47
N TYR B 181 -1.49 5.38 30.73
CA TYR B 181 -0.27 6.00 30.22
C TYR B 181 -0.20 7.49 30.56
N TYR B 182 -1.33 8.19 30.54
CA TYR B 182 -1.40 9.63 30.75
C TYR B 182 -2.20 9.92 32.00
N ASP B 183 -1.64 10.76 32.87
CA ASP B 183 -2.31 11.13 34.12
C ASP B 183 -2.94 12.51 33.95
N PRO B 184 -4.28 12.60 33.88
CA PRO B 184 -4.90 13.93 33.71
C PRO B 184 -4.70 14.86 34.89
N LYS B 185 -4.38 14.34 36.08
CA LYS B 185 -4.21 15.19 37.25
C LYS B 185 -2.98 16.09 37.09
N THR B 186 -1.84 15.50 36.74
CA THR B 186 -0.60 16.25 36.58
C THR B 186 -0.28 16.57 35.13
N CYS B 187 -1.14 16.15 34.19
CA CYS B 187 -0.93 16.36 32.76
C CYS B 187 0.42 15.80 32.31
N GLY B 188 0.82 14.67 32.86
CA GLY B 188 2.10 14.06 32.54
C GLY B 188 2.01 12.55 32.53
N PHE B 189 3.18 11.92 32.42
CA PHE B 189 3.26 10.47 32.37
C PHE B 189 2.90 9.86 33.73
N ASP B 190 2.02 8.86 33.70
CA ASP B 190 1.60 8.15 34.91
C ASP B 190 2.51 6.94 35.08
N PHE B 191 3.69 7.18 35.66
CA PHE B 191 4.71 6.14 35.74
C PHE B 191 4.27 4.98 36.63
N THR B 192 3.80 5.28 37.85
CA THR B 192 3.41 4.21 38.77
C THR B 192 2.25 3.40 38.21
N GLY B 193 1.21 4.07 37.72
CA GLY B 193 0.09 3.37 37.15
C GLY B 193 0.47 2.53 35.95
N ALA B 194 1.33 3.05 35.08
CA ALA B 194 1.78 2.28 33.93
C ALA B 194 2.57 1.05 34.37
N VAL B 195 3.43 1.20 35.38
CA VAL B 195 4.20 0.06 35.87
C VAL B 195 3.27 -1.00 36.43
N GLU B 196 2.28 -0.59 37.23
CA GLU B 196 1.35 -1.55 37.82
C GLU B 196 0.54 -2.26 36.74
N ASP B 197 0.08 -1.51 35.73
CA ASP B 197 -0.71 -2.12 34.66
C ASP B 197 0.13 -3.10 33.85
N ILE B 198 1.39 -2.74 33.56
CA ILE B 198 2.26 -3.63 32.80
C ILE B 198 2.58 -4.89 33.61
N SER B 199 2.80 -4.73 34.91
CA SER B 199 3.05 -5.90 35.76
C SER B 199 1.83 -6.80 35.84
N LYS B 200 0.63 -6.22 35.76
CA LYS B 200 -0.59 -7.02 35.79
C LYS B 200 -0.88 -7.67 34.44
N ILE B 201 -0.16 -7.29 33.38
CA ILE B 201 -0.40 -7.88 32.07
C ILE B 201 -0.03 -9.36 32.10
N PRO B 202 -0.83 -10.25 31.52
CA PRO B 202 -0.46 -11.68 31.50
C PRO B 202 0.82 -11.90 30.72
N GLU B 203 1.55 -12.94 31.11
CA GLU B 203 2.85 -13.23 30.51
C GLU B 203 2.69 -13.61 29.04
N GLN B 204 3.75 -13.36 28.28
CA GLN B 204 3.79 -13.68 26.84
C GLN B 204 2.67 -12.98 26.08
N SER B 205 2.38 -11.74 26.45
CA SER B 205 1.39 -10.92 25.79
C SER B 205 2.08 -9.75 25.09
N VAL B 206 1.70 -9.50 23.83
CA VAL B 206 2.31 -8.43 23.05
C VAL B 206 1.95 -7.08 23.65
N LEU B 207 2.92 -6.18 23.70
CA LEU B 207 2.74 -4.85 24.25
C LEU B 207 3.15 -3.80 23.22
N LEU B 208 2.34 -2.74 23.11
CA LEU B 208 2.62 -1.64 22.20
C LEU B 208 3.20 -0.47 22.98
N LEU B 209 4.34 0.03 22.53
CA LEU B 209 4.98 1.14 23.21
C LEU B 209 5.40 2.21 22.23
N HIS B 210 4.83 3.40 22.34
CA HIS B 210 5.24 4.48 21.47
C HIS B 210 6.68 4.77 21.78
N ALA B 211 7.56 4.59 20.81
CA ALA B 211 9.00 4.76 21.06
C ALA B 211 9.35 6.16 21.51
N CYS B 212 8.86 7.17 20.80
CA CYS B 212 9.19 8.55 21.15
C CYS B 212 7.95 9.34 21.52
N ALA B 213 7.67 10.39 20.76
CA ALA B 213 6.52 11.23 21.05
C ALA B 213 5.20 10.47 20.93
N HIS B 214 4.44 10.40 22.01
CA HIS B 214 3.14 9.76 21.93
C HIS B 214 2.31 10.54 20.93
N ASN B 215 1.59 9.84 20.06
CA ASN B 215 0.85 10.53 19.00
C ASN B 215 -0.18 11.52 19.53
N PRO B 216 -1.01 11.10 20.48
CA PRO B 216 -2.04 12.06 20.90
C PRO B 216 -1.61 13.00 22.00
N THR B 217 -0.66 12.59 22.85
CA THR B 217 -0.31 13.41 24.00
C THR B 217 1.12 13.94 23.97
N GLY B 218 2.03 13.27 23.26
CA GLY B 218 3.40 13.74 23.20
C GLY B 218 4.15 13.65 24.51
N VAL B 219 3.76 12.73 25.39
CA VAL B 219 4.44 12.53 26.67
C VAL B 219 5.28 11.26 26.57
N ASP B 220 6.56 11.37 26.88
CA ASP B 220 7.45 10.23 26.81
C ASP B 220 8.06 9.94 28.18
N PRO B 221 8.28 8.68 28.52
CA PRO B 221 8.91 8.37 29.81
C PRO B 221 10.36 8.82 29.86
N ARG B 222 10.81 9.15 31.08
CA ARG B 222 12.20 9.49 31.28
C ARG B 222 13.07 8.24 31.16
N PRO B 223 14.36 8.41 30.86
CA PRO B 223 15.22 7.22 30.62
C PRO B 223 15.23 6.24 31.78
N GLU B 224 15.19 6.72 33.02
CA GLU B 224 15.10 5.80 34.16
C GLU B 224 13.77 5.07 34.15
N GLN B 225 12.69 5.77 33.80
CA GLN B 225 11.39 5.11 33.68
C GLN B 225 11.41 4.08 32.55
N TRP B 226 12.10 4.39 31.45
CA TRP B 226 12.24 3.41 30.38
C TRP B 226 13.01 2.19 30.85
N LYS B 227 14.07 2.40 31.65
CA LYS B 227 14.81 1.26 32.19
C LYS B 227 13.93 0.40 33.10
N GLU B 228 13.11 1.06 33.93
CA GLU B 228 12.20 0.30 34.79
C GLU B 228 11.20 -0.50 33.97
N ILE B 229 10.65 0.12 32.92
CA ILE B 229 9.70 -0.59 32.05
C ILE B 229 10.38 -1.77 31.37
N ALA B 230 11.62 -1.58 30.92
CA ALA B 230 12.36 -2.67 30.29
C ALA B 230 12.60 -3.82 31.25
N THR B 231 12.97 -3.49 32.50
CA THR B 231 13.17 -4.54 33.49
C THR B 231 11.88 -5.30 33.77
N VAL B 232 10.76 -4.58 33.88
CA VAL B 232 9.48 -5.24 34.12
C VAL B 232 9.12 -6.14 32.94
N VAL B 233 9.33 -5.66 31.72
CA VAL B 233 9.01 -6.46 30.53
C VAL B 233 9.87 -7.72 30.49
N LYS B 234 11.17 -7.57 30.78
CA LYS B 234 12.06 -8.73 30.79
C LYS B 234 11.64 -9.73 31.86
N LYS B 235 11.24 -9.24 33.04
CA LYS B 235 10.79 -10.14 34.09
C LYS B 235 9.52 -10.88 33.68
N ARG B 236 8.58 -10.19 33.04
CA ARG B 236 7.32 -10.79 32.62
C ARG B 236 7.40 -11.48 31.27
N ASN B 237 8.55 -11.39 30.59
CA ASN B 237 8.74 -12.02 29.27
C ASN B 237 7.69 -11.54 28.28
N LEU B 238 7.34 -10.26 28.34
CA LEU B 238 6.37 -9.70 27.41
C LEU B 238 7.01 -9.44 26.05
N PHE B 239 6.15 -9.25 25.06
CA PHE B 239 6.58 -8.92 23.70
C PHE B 239 6.34 -7.44 23.44
N ALA B 240 7.39 -6.74 23.04
CA ALA B 240 7.33 -5.30 22.81
C ALA B 240 7.14 -5.03 21.32
N PHE B 241 6.19 -4.13 21.01
CA PHE B 241 5.88 -3.73 19.65
C PHE B 241 6.05 -2.22 19.57
N PHE B 242 7.28 -1.77 19.33
CA PHE B 242 7.56 -0.34 19.31
C PHE B 242 7.02 0.32 18.04
N ASP B 243 6.60 1.57 18.16
CA ASP B 243 6.07 2.31 17.02
C ASP B 243 6.81 3.63 16.88
N MET B 244 7.99 3.59 16.29
CA MET B 244 8.78 4.80 16.15
C MET B 244 8.46 5.51 14.85
N ALA B 245 7.72 6.61 14.92
CA ALA B 245 7.33 7.34 13.73
C ALA B 245 7.81 8.78 13.75
N TYR B 246 8.35 9.21 14.89
CA TYR B 246 8.82 10.58 15.02
C TYR B 246 10.33 10.66 15.25
N GLN B 247 11.03 9.57 15.01
CA GLN B 247 12.48 9.55 15.22
C GLN B 247 13.10 10.80 14.62
N GLY B 248 14.03 11.41 15.35
CA GLY B 248 14.67 12.63 14.90
C GLY B 248 13.81 13.86 14.97
N PHE B 249 12.57 13.77 14.49
CA PHE B 249 11.68 14.92 14.52
C PHE B 249 11.32 15.32 15.96
N ALA B 250 11.32 14.35 16.87
CA ALA B 250 10.87 14.64 18.23
C ALA B 250 11.77 15.65 18.93
N SER B 251 13.10 15.47 18.82
CA SER B 251 14.03 16.32 19.54
C SER B 251 15.23 16.77 18.73
N GLY B 252 15.32 16.41 17.45
CA GLY B 252 16.47 16.75 16.64
C GLY B 252 17.66 15.83 16.78
N ASP B 253 17.55 14.80 17.62
CA ASP B 253 18.63 13.83 17.82
C ASP B 253 18.04 12.43 17.64
N GLY B 254 18.44 11.76 16.56
CA GLY B 254 17.93 10.42 16.31
C GLY B 254 18.37 9.42 17.36
N ASP B 255 19.59 9.57 17.88
CA ASP B 255 20.12 8.62 18.86
C ASP B 255 19.31 8.66 20.15
N LYS B 256 18.97 9.87 20.62
CA LYS B 256 18.24 9.98 21.88
C LYS B 256 16.80 9.50 21.72
N ASP B 257 16.19 9.77 20.57
CA ASP B 257 14.82 9.30 20.32
C ASP B 257 14.76 7.79 20.25
N ALA B 258 15.79 7.15 19.69
CA ALA B 258 15.86 5.69 19.58
C ALA B 258 16.55 5.06 20.77
N TRP B 259 16.79 5.81 21.84
CA TRP B 259 17.51 5.27 22.99
C TRP B 259 16.73 4.16 23.66
N ALA B 260 15.41 4.30 23.75
CA ALA B 260 14.59 3.28 24.42
C ALA B 260 14.67 1.94 23.70
N VAL B 261 14.57 1.96 22.37
CA VAL B 261 14.62 0.71 21.61
C VAL B 261 15.98 0.05 21.74
N ARG B 262 17.05 0.84 21.65
CA ARG B 262 18.39 0.28 21.79
C ARG B 262 18.61 -0.29 23.18
N HIS B 263 18.10 0.38 24.22
CA HIS B 263 18.19 -0.14 25.57
C HIS B 263 17.43 -1.45 25.70
N PHE B 264 16.22 -1.52 25.13
CA PHE B 264 15.46 -2.76 25.16
C PHE B 264 16.22 -3.89 24.46
N ILE B 265 16.85 -3.57 23.33
CA ILE B 265 17.57 -4.59 22.58
C ILE B 265 18.78 -5.09 23.36
N GLU B 266 19.57 -4.17 23.92
CA GLU B 266 20.76 -4.58 24.65
C GLU B 266 20.40 -5.29 25.95
N GLN B 267 19.20 -5.03 26.48
CA GLN B 267 18.72 -5.80 27.62
C GLN B 267 18.36 -7.24 27.27
N GLY B 268 18.33 -7.58 25.98
CA GLY B 268 18.01 -8.93 25.55
C GLY B 268 16.59 -9.14 25.10
N ILE B 269 15.81 -8.08 24.94
CA ILE B 269 14.41 -8.18 24.54
C ILE B 269 14.32 -7.99 23.03
N ASN B 270 13.72 -8.96 22.35
CA ASN B 270 13.48 -8.84 20.91
C ASN B 270 12.23 -8.00 20.68
N VAL B 271 12.37 -6.95 19.88
CA VAL B 271 11.32 -5.96 19.69
C VAL B 271 11.08 -5.76 18.19
N CYS B 272 9.93 -5.17 17.88
CA CYS B 272 9.55 -4.84 16.51
C CYS B 272 9.35 -3.34 16.40
N LEU B 273 9.88 -2.75 15.33
CA LEU B 273 9.82 -1.31 15.12
C LEU B 273 8.99 -1.03 13.87
N CYS B 274 8.08 -0.07 13.99
CA CYS B 274 7.29 0.42 12.86
C CYS B 274 7.76 1.82 12.54
N GLN B 275 8.73 1.93 11.63
CA GLN B 275 9.30 3.23 11.31
C GLN B 275 8.56 3.90 10.17
N SER B 276 8.23 5.17 10.35
CA SER B 276 7.58 5.92 9.28
C SER B 276 8.41 7.14 8.95
N TYR B 277 8.75 7.29 7.68
CA TYR B 277 9.58 8.42 7.26
C TYR B 277 8.72 9.57 6.77
N ALA B 278 7.43 9.51 7.05
CA ALA B 278 6.53 10.57 6.61
C ALA B 278 6.88 11.89 7.26
N LYS B 279 7.23 11.86 8.53
CA LYS B 279 7.55 13.10 9.24
C LYS B 279 9.02 13.45 9.23
N ASN B 280 9.86 12.57 9.75
CA ASN B 280 11.29 12.86 9.81
C ASN B 280 11.89 13.25 8.47
N MET B 281 11.18 12.98 7.39
CA MET B 281 11.68 13.29 6.05
C MET B 281 10.70 14.09 5.22
N GLY B 282 9.48 14.31 5.70
CA GLY B 282 8.51 15.07 4.95
C GLY B 282 7.88 14.33 3.78
N LEU B 283 8.07 13.01 3.70
CA LEU B 283 7.51 12.22 2.61
C LEU B 283 6.15 11.64 3.01
N TYR B 284 5.20 12.55 3.27
CA TYR B 284 3.87 12.12 3.68
C TYR B 284 3.14 11.39 2.57
N GLY B 285 3.19 11.93 1.35
CA GLY B 285 2.48 11.32 0.24
C GLY B 285 3.17 10.10 -0.31
N GLU B 286 4.49 10.02 -0.14
CA GLU B 286 5.25 8.92 -0.73
C GLU B 286 5.06 7.60 0.00
N ARG B 287 4.42 7.64 1.17
CA ARG B 287 4.16 6.41 1.90
C ARG B 287 5.41 5.58 2.12
N VAL B 288 6.41 6.15 2.80
CA VAL B 288 7.64 5.42 3.08
C VAL B 288 7.65 4.86 4.49
N GLY B 289 8.04 3.61 4.65
CA GLY B 289 8.05 2.98 5.96
C GLY B 289 8.70 1.62 5.91
N ALA B 290 9.14 1.17 7.08
CA ALA B 290 9.81 -0.12 7.20
C ALA B 290 9.40 -0.79 8.51
N PHE B 291 9.21 -2.10 8.45
CA PHE B 291 8.91 -2.91 9.62
C PHE B 291 10.06 -3.87 9.85
N THR B 292 10.74 -3.73 10.99
CA THR B 292 11.90 -4.55 11.31
C THR B 292 11.62 -5.34 12.57
N MET B 293 12.03 -6.62 12.56
CA MET B 293 11.86 -7.52 13.68
C MET B 293 13.21 -8.08 14.08
N VAL B 294 13.52 -8.06 15.37
CA VAL B 294 14.78 -8.56 15.89
C VAL B 294 14.60 -10.02 16.29
N CYS B 295 15.47 -10.89 15.77
CA CYS B 295 15.43 -12.31 16.08
C CYS B 295 16.74 -12.73 16.74
N LYS B 296 16.75 -13.96 17.26
CA LYS B 296 17.95 -14.46 17.93
C LYS B 296 19.02 -14.85 16.93
N ASP B 297 18.65 -15.46 15.81
CA ASP B 297 19.62 -15.99 14.86
C ASP B 297 19.25 -15.54 13.45
N ALA B 298 20.22 -15.66 12.55
CA ALA B 298 20.00 -15.30 11.15
C ALA B 298 19.02 -16.25 10.47
N ASP B 299 19.04 -17.53 10.87
CA ASP B 299 18.08 -18.49 10.32
C ASP B 299 16.65 -18.10 10.69
N GLU B 300 16.43 -17.72 11.94
CA GLU B 300 15.12 -17.22 12.35
C GLU B 300 14.77 -15.96 11.58
N ALA B 301 15.75 -15.08 11.36
CA ALA B 301 15.51 -13.86 10.62
C ALA B 301 15.05 -14.14 9.20
N LYS B 302 15.69 -15.10 8.53
CA LYS B 302 15.31 -15.39 7.14
C LYS B 302 13.99 -16.14 7.06
N ARG B 303 13.69 -17.00 8.04
CA ARG B 303 12.38 -17.63 8.08
C ARG B 303 11.28 -16.59 8.27
N VAL B 304 11.51 -15.63 9.17
CA VAL B 304 10.55 -14.55 9.38
C VAL B 304 10.44 -13.70 8.12
N GLU B 305 11.55 -13.51 7.41
CA GLU B 305 11.51 -12.77 6.14
C GLU B 305 10.63 -13.47 5.11
N SER B 306 10.79 -14.79 4.99
CA SER B 306 9.98 -15.54 4.03
C SER B 306 8.51 -15.47 4.39
N GLN B 307 8.18 -15.63 5.68
CA GLN B 307 6.78 -15.58 6.09
C GLN B 307 6.21 -14.17 5.92
N LEU B 308 7.02 -13.15 6.18
CA LEU B 308 6.57 -11.77 5.97
C LEU B 308 6.30 -11.50 4.51
N LYS B 309 7.15 -12.00 3.61
CA LYS B 309 6.89 -11.84 2.18
C LYS B 309 5.62 -12.58 1.78
N ILE B 310 5.42 -13.78 2.32
CA ILE B 310 4.20 -14.54 2.04
C ILE B 310 2.96 -13.76 2.48
N LEU B 311 3.05 -13.12 3.65
CA LEU B 311 1.93 -12.29 4.12
C LEU B 311 1.75 -11.05 3.24
N ILE B 312 2.84 -10.43 2.82
CA ILE B 312 2.77 -9.16 2.10
C ILE B 312 2.17 -9.36 0.71
N ARG B 313 2.56 -10.44 0.02
CA ARG B 313 2.18 -10.61 -1.38
C ARG B 313 0.69 -10.48 -1.65
N PRO B 314 -0.21 -11.13 -0.88
CA PRO B 314 -1.65 -10.92 -1.14
C PRO B 314 -2.09 -9.48 -0.94
N MET B 315 -1.55 -8.78 0.07
CA MET B 315 -1.94 -7.39 0.30
C MET B 315 -1.51 -6.51 -0.86
N TYR B 316 -0.28 -6.68 -1.31
CA TYR B 316 0.23 -5.90 -2.44
C TYR B 316 1.48 -6.59 -2.93
N SER B 317 1.65 -6.67 -4.24
CA SER B 317 2.80 -7.39 -4.79
C SER B 317 4.13 -6.82 -4.30
N ASN B 318 4.22 -5.50 -4.22
CA ASN B 318 5.47 -4.87 -3.82
C ASN B 318 5.21 -3.47 -3.29
N PRO B 319 6.11 -2.96 -2.44
CA PRO B 319 5.89 -1.57 -2.01
C PRO B 319 6.25 -0.59 -3.12
N PRO B 320 5.86 0.67 -2.99
CA PRO B 320 6.19 1.65 -4.02
C PRO B 320 7.69 1.90 -4.11
N LEU B 321 8.10 2.52 -5.21
CA LEU B 321 9.51 2.64 -5.57
C LEU B 321 10.08 4.03 -5.36
N ASN B 322 9.34 5.09 -5.72
CA ASN B 322 9.92 6.44 -5.72
C ASN B 322 10.32 6.88 -4.31
N GLY B 323 9.41 6.74 -3.35
CA GLY B 323 9.70 7.19 -2.00
C GLY B 323 10.82 6.42 -1.36
N ALA B 324 10.82 5.09 -1.51
CA ALA B 324 11.90 4.28 -0.96
C ALA B 324 13.24 4.62 -1.60
N ARG B 325 13.23 4.85 -2.91
CA ARG B 325 14.46 5.24 -3.60
C ARG B 325 14.99 6.57 -3.09
N ILE B 326 14.09 7.54 -2.88
CA ILE B 326 14.50 8.84 -2.34
C ILE B 326 15.08 8.67 -0.95
N ALA B 327 14.42 7.87 -0.11
CA ALA B 327 14.89 7.67 1.26
C ALA B 327 16.26 7.00 1.28
N ALA B 328 16.44 5.98 0.44
CA ALA B 328 17.74 5.31 0.37
C ALA B 328 18.83 6.26 -0.12
N ALA B 329 18.51 7.08 -1.13
CA ALA B 329 19.49 8.03 -1.63
C ALA B 329 19.90 9.03 -0.57
N ILE B 330 18.93 9.52 0.22
CA ILE B 330 19.26 10.49 1.27
C ILE B 330 20.07 9.81 2.38
N LEU B 331 19.66 8.62 2.81
CA LEU B 331 20.33 7.97 3.93
C LEU B 331 21.76 7.55 3.57
N ASN B 332 21.95 7.02 2.36
CA ASN B 332 23.27 6.52 1.98
C ASN B 332 24.26 7.65 1.73
N THR B 333 23.83 8.70 1.05
CA THR B 333 24.74 9.80 0.72
C THR B 333 25.12 10.56 1.99
N PRO B 334 26.41 10.77 2.25
CA PRO B 334 26.79 11.47 3.50
C PRO B 334 26.33 12.92 3.55
N ASP B 335 26.55 13.68 2.47
CA ASP B 335 26.16 15.08 2.46
C ASP B 335 24.64 15.23 2.57
N LEU B 336 23.90 14.41 1.83
CA LEU B 336 22.45 14.45 1.92
C LEU B 336 21.96 14.06 3.30
N ARG B 337 22.60 13.06 3.91
CA ARG B 337 22.23 12.66 5.27
C ARG B 337 22.48 13.81 6.25
N LYS B 338 23.62 14.49 6.13
CA LYS B 338 23.92 15.60 7.03
C LYS B 338 22.92 16.73 6.84
N GLN B 339 22.58 17.05 5.59
CA GLN B 339 21.62 18.12 5.34
C GLN B 339 20.24 17.75 5.89
N TRP B 340 19.83 16.49 5.71
CA TRP B 340 18.55 16.05 6.26
C TRP B 340 18.54 16.13 7.78
N LEU B 341 19.64 15.73 8.42
CA LEU B 341 19.72 15.83 9.88
C LEU B 341 19.64 17.28 10.33
N GLN B 342 20.32 18.18 9.62
CA GLN B 342 20.25 19.60 9.97
C GLN B 342 18.84 20.14 9.83
N GLU B 343 18.15 19.77 8.74
CA GLU B 343 16.78 20.24 8.55
C GLU B 343 15.86 19.71 9.63
N VAL B 344 15.99 18.43 9.97
CA VAL B 344 15.14 17.84 11.00
C VAL B 344 15.40 18.49 12.35
N LYS B 345 16.68 18.76 12.66
CA LYS B 345 17.01 19.46 13.89
C LYS B 345 16.42 20.86 13.89
N VAL B 346 16.42 21.54 12.74
CA VAL B 346 15.80 22.85 12.66
C VAL B 346 14.31 22.82 12.91
N MET B 347 13.61 21.85 12.33
CA MET B 347 12.17 21.74 12.58
C MET B 347 11.87 21.40 14.03
N ALA B 348 12.68 20.52 14.63
CA ALA B 348 12.49 20.20 16.04
C ALA B 348 12.73 21.43 16.92
N ASP B 349 13.75 22.22 16.59
CA ASP B 349 13.99 23.45 17.32
C ASP B 349 12.84 24.42 17.15
N ARG B 350 12.26 24.49 15.95
CA ARG B 350 11.10 25.35 15.75
C ARG B 350 9.92 24.92 16.61
N ILE B 351 9.68 23.61 16.68
CA ILE B 351 8.58 23.10 17.51
C ILE B 351 8.80 23.44 18.97
N ILE B 352 10.02 23.21 19.47
CA ILE B 352 10.34 23.50 20.86
C ILE B 352 10.23 25.00 21.13
N GLY B 353 10.67 25.83 20.18
CA GLY B 353 10.55 27.26 20.34
C GLY B 353 9.10 27.73 20.36
N MET B 354 8.25 27.12 19.54
CA MET B 354 6.82 27.44 19.59
C MET B 354 6.23 27.09 20.94
N ARG B 355 6.58 25.91 21.48
CA ARG B 355 6.09 25.55 22.81
C ARG B 355 6.57 26.53 23.87
N THR B 356 7.85 26.89 23.83
CA THR B 356 8.40 27.82 24.82
C THR B 356 7.75 29.19 24.70
N GLN B 357 7.54 29.67 23.47
CA GLN B 357 6.90 30.96 23.26
C GLN B 357 5.45 30.94 23.75
N LEU B 358 4.74 29.84 23.52
CA LEU B 358 3.37 29.73 24.02
C LEU B 358 3.35 29.80 25.55
N VAL B 359 4.27 29.08 26.21
CA VAL B 359 4.32 29.12 27.66
C VAL B 359 4.68 30.52 28.16
N SER B 360 5.65 31.17 27.52
CA SER B 360 6.06 32.51 27.93
C SER B 360 4.92 33.52 27.76
N ASN B 361 4.18 33.43 26.66
CA ASN B 361 3.07 34.35 26.43
C ASN B 361 1.94 34.07 27.42
N LEU B 362 1.71 32.80 27.76
CA LEU B 362 0.72 32.50 28.78
C LEU B 362 1.12 33.08 30.12
N LYS B 363 2.40 33.01 30.47
CA LYS B 363 2.89 33.65 31.69
C LYS B 363 2.71 35.16 31.64
N LYS B 364 3.00 35.76 30.48
CA LYS B 364 2.86 37.20 30.33
C LYS B 364 1.40 37.64 30.48
N GLU B 365 0.47 36.85 29.96
CA GLU B 365 -0.94 37.21 30.04
C GLU B 365 -1.47 37.20 31.47
N GLY B 366 -0.73 36.62 32.41
CA GLY B 366 -1.13 36.60 33.80
C GLY B 366 -1.79 35.34 34.28
N SER B 367 -1.85 34.29 33.46
CA SER B 367 -2.45 33.03 33.89
C SER B 367 -1.63 32.40 34.99
N THR B 368 -2.30 31.96 36.05
CA THR B 368 -1.66 31.32 37.19
C THR B 368 -1.58 29.80 37.06
N HIS B 369 -2.17 29.23 36.01
CA HIS B 369 -2.11 27.78 35.83
C HIS B 369 -0.70 27.35 35.48
N ASN B 370 -0.34 26.14 35.93
CA ASN B 370 0.98 25.59 35.67
C ASN B 370 1.00 24.98 34.28
N TRP B 371 1.70 25.63 33.35
CA TRP B 371 1.83 25.15 31.99
C TRP B 371 3.18 24.49 31.72
N GLN B 372 3.84 23.99 32.77
CA GLN B 372 5.13 23.34 32.60
C GLN B 372 5.02 22.07 31.75
N HIS B 373 3.86 21.41 31.79
CA HIS B 373 3.69 20.18 31.02
C HIS B 373 3.76 20.44 29.53
N ILE B 374 3.44 21.65 29.09
CA ILE B 374 3.55 21.98 27.67
C ILE B 374 5.00 21.91 27.22
N THR B 375 5.91 22.48 28.01
CA THR B 375 7.33 22.38 27.69
C THR B 375 7.85 20.96 27.90
N ASP B 376 7.33 20.26 28.92
CA ASP B 376 7.78 18.90 29.18
C ASP B 376 7.42 17.96 28.04
N GLN B 377 6.24 18.14 27.45
CA GLN B 377 5.80 17.27 26.37
C GLN B 377 6.67 17.46 25.14
N ILE B 378 6.96 16.35 24.45
CA ILE B 378 7.83 16.36 23.28
C ILE B 378 7.07 15.76 22.11
N GLY B 379 7.05 16.47 21.00
CA GLY B 379 6.38 16.01 19.79
C GLY B 379 5.51 17.10 19.19
N MET B 380 4.86 16.71 18.09
CA MET B 380 3.97 17.63 17.39
C MET B 380 2.76 18.01 18.24
N PHE B 381 2.18 17.04 18.94
CA PHE B 381 0.85 17.19 19.52
C PHE B 381 0.92 17.36 21.04
N CYS B 382 -0.01 18.16 21.56
CA CYS B 382 -0.04 18.55 22.97
C CYS B 382 -1.47 18.56 23.49
N PHE B 383 -1.68 17.99 24.68
CA PHE B 383 -2.86 18.27 25.48
C PHE B 383 -2.52 19.40 26.46
N THR B 384 -3.08 20.57 26.20
CA THR B 384 -3.04 21.65 27.19
C THR B 384 -3.90 21.32 28.41
N GLY B 385 -4.72 20.26 28.32
CA GLY B 385 -5.56 19.87 29.42
C GLY B 385 -6.88 20.62 29.52
N LEU B 386 -7.26 21.33 28.46
CA LEU B 386 -8.47 22.14 28.50
C LEU B 386 -9.71 21.24 28.54
N LYS B 387 -10.71 21.68 29.30
CA LYS B 387 -11.98 20.97 29.36
C LYS B 387 -12.74 21.15 28.05
N PRO B 388 -13.64 20.22 27.71
CA PRO B 388 -14.39 20.35 26.46
C PRO B 388 -15.16 21.66 26.34
N GLU B 389 -15.77 22.12 27.44
CA GLU B 389 -16.50 23.39 27.38
C GLU B 389 -15.57 24.53 26.99
N GLN B 390 -14.34 24.52 27.49
CA GLN B 390 -13.35 25.49 27.04
C GLN B 390 -13.06 25.32 25.56
N VAL B 391 -13.15 24.10 25.04
CA VAL B 391 -12.92 23.88 23.62
C VAL B 391 -14.02 24.53 22.79
N GLU B 392 -15.28 24.34 23.17
CA GLU B 392 -16.35 25.03 22.43
C GLU B 392 -16.26 26.54 22.60
N ARG B 393 -15.83 27.01 23.78
CA ARG B 393 -15.65 28.45 23.96
C ARG B 393 -14.60 29.00 23.02
N LEU B 394 -13.48 28.28 22.85
CA LEU B 394 -12.46 28.71 21.92
C LEU B 394 -12.96 28.67 20.49
N ILE B 395 -13.72 27.62 20.13
CA ILE B 395 -14.20 27.48 18.75
C ILE B 395 -15.18 28.60 18.41
N LYS B 396 -16.15 28.86 19.30
CA LYS B 396 -17.21 29.82 18.98
C LYS B 396 -16.72 31.26 19.05
N GLU B 397 -15.93 31.60 20.06
CA GLU B 397 -15.56 33.00 20.29
C GLU B 397 -14.31 33.39 19.51
N PHE B 398 -13.20 32.72 19.77
CA PHE B 398 -11.92 33.08 19.15
C PHE B 398 -11.67 32.37 17.83
N SER B 399 -12.62 31.55 17.37
CA SER B 399 -12.52 30.85 16.08
C SER B 399 -11.28 29.96 16.01
N ILE B 400 -10.87 29.41 17.14
CA ILE B 400 -9.75 28.48 17.19
C ILE B 400 -10.32 27.06 17.16
N TYR B 401 -9.94 26.31 16.12
CA TYR B 401 -10.50 25.00 15.87
C TYR B 401 -9.55 23.92 16.37
N MET B 402 -10.06 23.04 17.23
CA MET B 402 -9.26 22.01 17.88
C MET B 402 -10.17 20.87 18.28
N THR B 403 -9.57 19.71 18.52
CA THR B 403 -10.35 18.54 18.89
C THR B 403 -10.90 18.68 20.31
N LYS B 404 -11.95 17.90 20.59
CA LYS B 404 -12.63 18.03 21.87
C LYS B 404 -11.75 17.56 23.03
N ASP B 405 -10.93 16.53 22.81
CA ASP B 405 -10.10 15.98 23.89
C ASP B 405 -9.05 16.97 24.38
N GLY B 406 -8.73 17.99 23.58
CA GLY B 406 -7.77 18.99 23.97
C GLY B 406 -6.45 18.96 23.23
N ARG B 407 -6.26 18.01 22.32
CA ARG B 407 -5.01 17.92 21.57
C ARG B 407 -4.89 19.08 20.59
N ILE B 408 -3.70 19.67 20.51
CA ILE B 408 -3.39 20.73 19.55
C ILE B 408 -2.10 20.35 18.84
N SER B 409 -1.98 20.77 17.58
CA SER B 409 -0.77 20.53 16.82
C SER B 409 0.14 21.75 16.91
N VAL B 410 1.33 21.57 17.49
CA VAL B 410 2.27 22.67 17.62
C VAL B 410 2.73 23.16 16.26
N ALA B 411 2.76 22.29 15.25
CA ALA B 411 3.15 22.70 13.91
C ALA B 411 2.22 23.79 13.37
N GLY B 412 0.95 23.77 13.77
CA GLY B 412 0.04 24.81 13.36
C GLY B 412 0.31 26.14 14.03
N VAL B 413 1.00 26.12 15.17
CA VAL B 413 1.31 27.36 15.87
C VAL B 413 2.33 28.16 15.08
N THR B 414 2.10 29.48 15.00
CA THR B 414 2.96 30.38 14.25
C THR B 414 3.45 31.47 15.19
N SER B 415 4.66 31.97 14.93
CA SER B 415 5.22 33.05 15.75
C SER B 415 4.31 34.27 15.73
N SER B 416 3.59 34.48 14.62
CA SER B 416 2.69 35.63 14.54
C SER B 416 1.45 35.43 15.41
N ASN B 417 0.84 34.26 15.37
CA ASN B 417 -0.43 34.02 16.05
C ASN B 417 -0.28 33.34 17.41
N VAL B 418 0.95 33.10 17.87
CA VAL B 418 1.13 32.45 19.16
C VAL B 418 0.62 33.34 20.28
N GLY B 419 0.82 34.66 20.15
CA GLY B 419 0.28 35.59 21.14
C GLY B 419 -1.23 35.56 21.19
N TYR B 420 -1.87 35.51 20.02
CA TYR B 420 -3.33 35.42 19.98
C TYR B 420 -3.83 34.14 20.64
N LEU B 421 -3.18 33.02 20.36
CA LEU B 421 -3.57 31.75 20.97
C LEU B 421 -3.40 31.79 22.48
N ALA B 422 -2.29 32.33 22.95
CA ALA B 422 -2.07 32.43 24.39
C ALA B 422 -3.09 33.34 25.05
N HIS B 423 -3.40 34.47 24.42
CA HIS B 423 -4.40 35.38 24.96
C HIS B 423 -5.78 34.70 25.03
N ALA B 424 -6.15 33.97 23.98
CA ALA B 424 -7.43 33.27 23.99
C ALA B 424 -7.47 32.20 25.07
N ILE B 425 -6.39 31.45 25.24
CA ILE B 425 -6.34 30.42 26.27
C ILE B 425 -6.46 31.05 27.65
N HIS B 426 -5.74 32.15 27.88
CA HIS B 426 -5.82 32.83 29.18
C HIS B 426 -7.23 33.36 29.43
N GLN B 427 -7.87 33.93 28.41
CA GLN B 427 -9.21 34.47 28.59
C GLN B 427 -10.21 33.35 28.89
N VAL B 428 -10.10 32.22 28.19
CA VAL B 428 -11.02 31.12 28.42
C VAL B 428 -10.78 30.49 29.79
N THR B 429 -9.52 30.28 30.16
CA THR B 429 -9.17 29.70 31.44
C THR B 429 -9.06 30.74 32.55
N LYS B 430 -9.60 31.93 32.34
CA LYS B 430 -9.54 33.00 33.34
C LYS B 430 -10.36 32.63 34.58
N1 PLP C . -4.60 -8.97 -11.52
C2 PLP C . -4.28 -9.74 -12.59
C2A PLP C . -5.14 -10.92 -12.97
C3 PLP C . -3.08 -9.43 -13.39
O3 PLP C . -2.74 -10.18 -14.47
C4 PLP C . -2.27 -8.26 -12.99
C4A PLP C . -1.05 -7.87 -13.74
O4A PLP C . -0.32 -8.74 -14.19
C5 PLP C . -2.73 -7.50 -11.81
C6 PLP C . -3.88 -7.91 -11.15
C5A PLP C . -1.96 -6.28 -11.33
O4P PLP C . -1.01 -6.66 -10.32
P PLP C . -0.20 -5.52 -9.55
O1P PLP C . -1.14 -5.09 -8.45
O2P PLP C . 1.05 -6.21 -9.05
O3P PLP C . 0.05 -4.48 -10.61
N1 PLP D . 1.95 5.82 14.03
C2 PLP D . 1.91 6.78 14.99
C2A PLP D . 1.68 6.42 16.43
C3 PLP D . 2.10 8.21 14.62
O3 PLP D . 2.07 9.19 15.55
C4 PLP D . 2.33 8.51 13.19
C4A PLP D . 2.53 9.90 12.73
O4A PLP D . 1.79 10.78 13.12
C5 PLP D . 2.34 7.37 12.25
C6 PLP D . 2.16 6.09 12.74
C5A PLP D . 2.58 7.63 10.78
O4P PLP D . 1.43 7.24 10.03
P PLP D . 1.54 7.13 8.43
O1P PLP D . 1.72 5.63 8.21
O2P PLP D . 0.24 7.68 7.92
O3P PLP D . 2.75 7.95 8.08
#